data_1A3G
#
_entry.id   1A3G
#
_cell.length_a   135.100
_cell.length_b   144.000
_cell.length_c   102.900
_cell.angle_alpha   90.00
_cell.angle_beta   136.10
_cell.angle_gamma   90.00
#
_symmetry.space_group_name_H-M   'C 1 2 1'
#
loop_
_entity.id
_entity.type
_entity.pdbx_description
1 polymer 'BRANCHED-CHAIN AMINO ACID AMINOTRANSFERASE'
2 non-polymer "PYRIDOXAL-5'-PHOSPHATE"
3 water water
#
_entity_poly.entity_id   1
_entity_poly.type   'polypeptide(L)'
_entity_poly.pdbx_seq_one_letter_code
;TTKKADYIWFNGEMVRWEDAKVHVMSHALHYGTSVFEGIRCYDSHKGPVVFRHREHMQRLHDSAKIYRFPVSQSIDELME
ACRDVIRKNNLTSAYIRPLIFVGDVGMGVNPPAGYSTDVIIAAFPWGAYLGAEALEQGIDAMVSSWNRAAPNTIPTAAKA
GGNYLSSLLVGSEARRHGYQEGIALDVNGYISEGAGENLFEVKDGVLFTPPFTSSALPGITRDAIIKLAKELGIEVREQV
LSRESLYLADEVFMSGTAAEITPVRSVDGIQVGEGRCGPVTKRIQQAFFGLFTGETEDKWGWLDQVNQ
;
_entity_poly.pdbx_strand_id   A,B,C
#
loop_
_chem_comp.id
_chem_comp.type
_chem_comp.name
_chem_comp.formula
PLP non-polymer PYRIDOXAL-5'-PHOSPHATE 'C8 H10 N O6 P'
#
# COMPACT_ATOMS: atom_id res chain seq x y z
N LYS A 4 -13.39 -26.36 -32.12
CA LYS A 4 -12.53 -26.20 -33.35
C LYS A 4 -13.47 -25.69 -34.45
N ALA A 5 -12.95 -25.01 -35.48
CA ALA A 5 -13.80 -24.48 -36.56
C ALA A 5 -13.03 -24.48 -37.88
N ASP A 6 -13.43 -23.66 -38.81
CA ASP A 6 -12.78 -23.61 -40.11
C ASP A 6 -12.30 -22.20 -40.17
N TYR A 7 -11.31 -21.91 -40.97
CA TYR A 7 -10.90 -20.49 -41.00
C TYR A 7 -10.36 -19.89 -39.72
N ILE A 8 -9.20 -19.31 -39.89
CA ILE A 8 -8.49 -18.67 -38.82
C ILE A 8 -7.92 -17.49 -39.58
N TRP A 9 -8.17 -16.30 -39.06
CA TRP A 9 -7.64 -15.12 -39.69
C TRP A 9 -6.18 -15.27 -39.40
N PHE A 10 -5.34 -14.91 -40.33
CA PHE A 10 -3.94 -15.14 -40.15
C PHE A 10 -3.27 -14.16 -41.09
N ASN A 11 -2.46 -13.30 -40.52
CA ASN A 11 -1.78 -12.31 -41.26
C ASN A 11 -2.56 -11.56 -42.34
N GLY A 12 -3.86 -11.41 -42.13
CA GLY A 12 -4.60 -10.63 -43.07
C GLY A 12 -5.66 -11.40 -43.75
N GLU A 13 -5.39 -12.69 -43.98
CA GLU A 13 -6.40 -13.48 -44.64
C GLU A 13 -6.88 -14.64 -43.91
N MET A 14 -8.07 -15.06 -44.31
CA MET A 14 -8.79 -16.19 -43.76
C MET A 14 -8.22 -17.45 -44.34
N VAL A 15 -7.84 -18.38 -43.48
CA VAL A 15 -7.26 -19.65 -43.88
C VAL A 15 -8.07 -20.74 -43.26
N ARG A 16 -8.24 -21.88 -43.94
CA ARG A 16 -8.97 -23.03 -43.40
C ARG A 16 -8.28 -23.46 -42.14
N TRP A 17 -9.02 -24.00 -41.21
CA TRP A 17 -8.38 -24.37 -39.96
C TRP A 17 -7.13 -25.19 -40.12
N GLU A 18 -7.14 -26.08 -41.09
CA GLU A 18 -6.03 -27.00 -41.21
C GLU A 18 -4.71 -26.57 -41.79
N ASP A 19 -4.71 -25.43 -42.49
CA ASP A 19 -3.49 -24.93 -43.11
C ASP A 19 -2.86 -23.80 -42.31
N ALA A 20 -3.36 -23.56 -41.09
CA ALA A 20 -2.83 -22.49 -40.25
C ALA A 20 -1.69 -23.09 -39.55
N LYS A 21 -0.57 -23.17 -40.24
CA LYS A 21 0.63 -23.81 -39.69
C LYS A 21 1.79 -22.89 -39.69
N VAL A 22 2.82 -23.25 -38.92
CA VAL A 22 3.99 -22.42 -38.80
C VAL A 22 5.21 -23.30 -38.56
N HIS A 23 6.38 -22.78 -38.89
CA HIS A 23 7.60 -23.51 -38.76
C HIS A 23 8.05 -23.77 -37.38
N VAL A 24 8.64 -24.92 -37.22
CA VAL A 24 9.14 -25.33 -35.94
C VAL A 24 10.24 -24.41 -35.49
N MET A 25 10.69 -23.49 -36.31
CA MET A 25 11.78 -22.67 -35.78
C MET A 25 11.34 -21.25 -35.53
N SER A 26 10.04 -21.06 -35.45
CA SER A 26 9.46 -19.77 -35.10
C SER A 26 10.01 -19.50 -33.73
N HIS A 27 10.28 -18.23 -33.49
CA HIS A 27 10.88 -17.74 -32.23
C HIS A 27 9.98 -18.09 -31.02
N ALA A 28 8.68 -17.81 -31.12
CA ALA A 28 7.75 -18.07 -30.04
C ALA A 28 7.80 -19.48 -29.47
N LEU A 29 8.10 -20.51 -30.27
CA LEU A 29 8.12 -21.89 -29.80
C LEU A 29 9.28 -22.21 -28.92
N HIS A 30 10.37 -21.46 -29.05
CA HIS A 30 11.57 -21.68 -28.29
C HIS A 30 11.82 -20.68 -27.21
N TYR A 31 11.47 -19.42 -27.45
CA TYR A 31 11.71 -18.36 -26.48
C TYR A 31 10.56 -17.73 -25.71
N GLY A 32 9.31 -18.06 -26.01
CA GLY A 32 8.24 -17.49 -25.22
C GLY A 32 7.72 -16.20 -25.73
N THR A 33 8.38 -15.70 -26.76
CA THR A 33 8.02 -14.44 -27.35
C THR A 33 6.75 -14.28 -28.14
N SER A 34 5.57 -14.39 -27.51
CA SER A 34 4.31 -14.14 -28.17
C SER A 34 3.53 -13.32 -27.14
N VAL A 35 2.35 -12.85 -27.51
CA VAL A 35 1.54 -12.04 -26.62
C VAL A 35 0.10 -12.41 -27.06
N PHE A 36 -0.85 -12.56 -26.15
CA PHE A 36 -2.18 -13.02 -26.59
C PHE A 36 -3.37 -12.40 -25.83
N GLU A 37 -4.61 -12.71 -26.18
CA GLU A 37 -5.76 -12.19 -25.44
C GLU A 37 -6.83 -13.23 -25.36
N GLY A 38 -7.86 -12.92 -24.60
CA GLY A 38 -8.98 -13.84 -24.48
C GLY A 38 -10.15 -12.89 -24.56
N ILE A 39 -11.06 -13.12 -25.49
CA ILE A 39 -12.22 -12.26 -25.68
C ILE A 39 -13.39 -13.21 -25.83
N ARG A 40 -14.56 -12.81 -25.33
CA ARG A 40 -15.77 -13.59 -25.44
C ARG A 40 -16.68 -12.87 -26.38
N CYS A 41 -17.67 -13.61 -26.87
CA CYS A 41 -18.69 -13.11 -27.76
C CYS A 41 -19.93 -13.77 -27.21
N TYR A 42 -20.86 -12.97 -26.75
CA TYR A 42 -22.07 -13.52 -26.22
C TYR A 42 -23.22 -13.22 -27.20
N ASP A 43 -24.25 -14.07 -27.18
CA ASP A 43 -25.44 -13.85 -28.00
C ASP A 43 -26.24 -13.06 -26.99
N SER A 44 -26.56 -11.81 -27.31
CA SER A 44 -27.31 -10.96 -26.41
C SER A 44 -28.67 -10.66 -26.97
N HIS A 45 -29.42 -9.85 -26.22
CA HIS A 45 -30.73 -9.44 -26.69
C HIS A 45 -30.57 -8.69 -28.02
N LYS A 46 -29.34 -8.39 -28.39
CA LYS A 46 -29.12 -7.71 -29.64
C LYS A 46 -27.93 -8.35 -30.29
N GLY A 47 -27.20 -9.08 -29.44
CA GLY A 47 -25.98 -9.77 -29.82
C GLY A 47 -26.37 -10.78 -30.83
N PRO A 48 -25.38 -11.48 -31.43
CA PRO A 48 -23.92 -11.46 -31.26
C PRO A 48 -23.19 -10.19 -30.92
N VAL A 49 -22.59 -10.27 -29.75
CA VAL A 49 -21.82 -9.18 -29.22
C VAL A 49 -20.54 -9.72 -28.56
N VAL A 50 -19.44 -9.03 -28.79
CA VAL A 50 -18.18 -9.40 -28.23
C VAL A 50 -18.08 -8.51 -27.01
N PHE A 51 -17.78 -9.05 -25.82
CA PHE A 51 -17.67 -8.23 -24.60
C PHE A 51 -16.28 -7.57 -24.44
N ARG A 52 -16.31 -6.25 -24.34
CA ARG A 52 -15.15 -5.36 -24.19
C ARG A 52 -14.04 -5.55 -25.22
N HIS A 53 -14.48 -5.47 -26.47
CA HIS A 53 -13.58 -5.59 -27.58
C HIS A 53 -12.43 -4.65 -27.58
N ARG A 54 -12.70 -3.37 -27.75
CA ARG A 54 -11.62 -2.43 -27.87
C ARG A 54 -10.66 -2.57 -26.78
N GLU A 55 -11.17 -2.79 -25.58
CA GLU A 55 -10.28 -2.87 -24.42
C GLU A 55 -9.41 -4.11 -24.42
N HIS A 56 -9.89 -5.20 -25.03
CA HIS A 56 -9.05 -6.37 -25.11
C HIS A 56 -7.95 -6.13 -26.17
N MET A 57 -8.29 -5.44 -27.27
CA MET A 57 -7.31 -5.21 -28.34
C MET A 57 -6.32 -4.16 -27.98
N GLN A 58 -6.70 -3.28 -27.10
CA GLN A 58 -5.75 -2.28 -26.68
C GLN A 58 -4.82 -3.00 -25.72
N ARG A 59 -5.30 -4.01 -25.00
CA ARG A 59 -4.37 -4.66 -24.10
C ARG A 59 -3.43 -5.40 -24.96
N LEU A 60 -3.92 -5.99 -26.04
CA LEU A 60 -3.06 -6.72 -26.97
C LEU A 60 -2.01 -5.77 -27.35
N HIS A 61 -2.36 -4.62 -27.85
CA HIS A 61 -1.31 -3.69 -28.19
C HIS A 61 -0.40 -3.34 -27.07
N ASP A 62 -0.88 -3.19 -25.83
CA ASP A 62 0.05 -2.84 -24.73
C ASP A 62 1.08 -3.86 -24.30
N SER A 63 0.70 -5.14 -24.38
CA SER A 63 1.59 -6.26 -24.04
C SER A 63 2.77 -6.20 -25.00
N ALA A 64 2.47 -5.89 -26.25
CA ALA A 64 3.51 -5.81 -27.25
C ALA A 64 4.34 -4.59 -27.03
N LYS A 65 3.71 -3.46 -26.64
CA LYS A 65 4.48 -2.27 -26.43
C LYS A 65 5.55 -2.56 -25.40
N ILE A 66 5.22 -3.20 -24.26
CA ILE A 66 6.21 -3.48 -23.18
C ILE A 66 7.44 -4.18 -23.67
N TYR A 67 7.22 -5.17 -24.56
CA TYR A 67 8.27 -6.06 -25.18
C TYR A 67 8.86 -5.55 -26.49
N ARG A 68 8.13 -4.67 -27.17
CA ARG A 68 8.57 -4.06 -28.42
C ARG A 68 8.48 -4.97 -29.65
N PHE A 69 7.38 -5.69 -29.76
CA PHE A 69 7.19 -6.58 -30.86
C PHE A 69 6.49 -5.66 -31.76
N PRO A 70 7.06 -5.32 -32.90
CA PRO A 70 6.44 -4.40 -33.84
C PRO A 70 5.17 -5.01 -34.26
N VAL A 71 4.12 -4.20 -34.34
CA VAL A 71 2.78 -4.63 -34.72
C VAL A 71 2.24 -3.67 -35.78
N SER A 72 1.78 -4.20 -36.91
CA SER A 72 1.33 -3.37 -38.00
C SER A 72 -0.15 -3.12 -38.02
N GLN A 73 -0.93 -4.01 -37.45
CA GLN A 73 -2.34 -3.79 -37.44
C GLN A 73 -2.69 -2.77 -36.40
N SER A 74 -3.83 -2.14 -36.64
CA SER A 74 -4.39 -1.14 -35.77
C SER A 74 -5.44 -1.90 -34.99
N ILE A 75 -5.88 -1.24 -33.94
CA ILE A 75 -6.87 -1.77 -33.08
C ILE A 75 -8.15 -1.90 -33.90
N ASP A 76 -8.36 -0.96 -34.82
CA ASP A 76 -9.58 -1.00 -35.63
C ASP A 76 -9.49 -2.15 -36.67
N GLU A 77 -8.28 -2.36 -37.19
CA GLU A 77 -8.03 -3.39 -38.16
C GLU A 77 -8.20 -4.70 -37.46
N LEU A 78 -7.60 -4.80 -36.29
CA LEU A 78 -7.71 -6.02 -35.53
C LEU A 78 -9.17 -6.32 -35.09
N MET A 79 -9.96 -5.31 -34.72
CA MET A 79 -11.34 -5.59 -34.31
C MET A 79 -12.24 -6.08 -35.45
N GLU A 80 -11.99 -5.51 -36.65
CA GLU A 80 -12.68 -5.85 -37.90
C GLU A 80 -12.50 -7.33 -38.13
N ALA A 81 -11.22 -7.70 -38.11
CA ALA A 81 -10.74 -9.05 -38.28
C ALA A 81 -11.49 -10.00 -37.36
N CYS A 82 -11.45 -9.73 -36.07
CA CYS A 82 -12.15 -10.56 -35.08
C CYS A 82 -13.64 -10.71 -35.40
N ARG A 83 -14.27 -9.65 -35.89
CA ARG A 83 -15.66 -9.76 -36.26
C ARG A 83 -15.79 -10.63 -37.49
N ASP A 84 -14.83 -10.54 -38.41
CA ASP A 84 -14.88 -11.36 -39.63
C ASP A 84 -14.78 -12.80 -39.26
N VAL A 85 -13.75 -13.15 -38.48
CA VAL A 85 -13.54 -14.55 -38.05
C VAL A 85 -14.82 -15.12 -37.46
N ILE A 86 -15.52 -14.35 -36.64
CA ILE A 86 -16.73 -14.85 -36.01
C ILE A 86 -17.79 -15.13 -37.02
N ARG A 87 -18.04 -14.11 -37.80
CA ARG A 87 -19.05 -14.14 -38.81
C ARG A 87 -18.79 -15.26 -39.80
N LYS A 88 -17.59 -15.30 -40.34
CA LYS A 88 -17.20 -16.32 -41.30
C LYS A 88 -17.38 -17.73 -40.82
N ASN A 89 -17.17 -17.91 -39.54
CA ASN A 89 -17.25 -19.22 -38.93
C ASN A 89 -18.62 -19.55 -38.45
N ASN A 90 -19.51 -18.59 -38.66
CA ASN A 90 -20.92 -18.69 -38.27
C ASN A 90 -21.14 -19.01 -36.78
N LEU A 91 -20.33 -18.35 -35.97
CA LEU A 91 -20.36 -18.50 -34.55
C LEU A 91 -21.27 -17.43 -33.98
N THR A 92 -21.89 -17.76 -32.87
CA THR A 92 -22.76 -16.81 -32.20
C THR A 92 -22.16 -16.62 -30.78
N SER A 93 -21.84 -17.72 -30.05
CA SER A 93 -21.19 -17.56 -28.74
C SER A 93 -19.83 -18.26 -28.81
N ALA A 94 -18.75 -17.51 -28.74
CA ALA A 94 -17.42 -18.09 -28.88
C ALA A 94 -16.35 -17.52 -27.97
N TYR A 95 -15.20 -18.16 -27.98
CA TYR A 95 -14.06 -17.70 -27.23
C TYR A 95 -13.17 -17.24 -28.36
N ILE A 96 -12.76 -15.99 -28.40
CA ILE A 96 -11.93 -15.52 -29.52
C ILE A 96 -10.52 -15.56 -29.01
N ARG A 97 -9.51 -15.79 -29.84
CA ARG A 97 -8.14 -15.85 -29.36
C ARG A 97 -7.10 -15.13 -30.22
N PRO A 98 -6.81 -13.83 -29.99
CA PRO A 98 -5.79 -13.25 -30.86
C PRO A 98 -4.41 -13.60 -30.36
N LEU A 99 -3.43 -13.79 -31.25
CA LEU A 99 -2.07 -14.08 -30.84
C LEU A 99 -1.22 -13.30 -31.80
N ILE A 100 -0.13 -12.73 -31.29
CA ILE A 100 0.81 -11.94 -32.02
C ILE A 100 2.10 -12.57 -31.50
N PHE A 101 2.89 -13.24 -32.38
CA PHE A 101 4.10 -13.92 -31.97
C PHE A 101 5.22 -13.61 -32.92
N VAL A 102 6.46 -13.80 -32.49
CA VAL A 102 7.62 -13.57 -33.30
C VAL A 102 7.72 -14.84 -34.07
N GLY A 103 7.64 -14.72 -35.40
CA GLY A 103 7.68 -15.91 -36.21
C GLY A 103 9.08 -16.34 -36.54
N ASP A 104 9.19 -16.97 -37.72
CA ASP A 104 10.45 -17.46 -38.23
C ASP A 104 11.23 -16.23 -38.60
N VAL A 105 12.22 -16.05 -37.77
CA VAL A 105 13.14 -14.97 -37.73
C VAL A 105 14.27 -15.90 -37.23
N GLY A 106 15.48 -15.44 -36.99
CA GLY A 106 16.43 -16.42 -36.48
C GLY A 106 16.24 -17.15 -35.11
N MET A 107 17.37 -17.60 -34.57
CA MET A 107 17.47 -18.36 -33.33
C MET A 107 18.21 -17.52 -32.31
N GLY A 108 18.20 -16.20 -32.50
CA GLY A 108 18.82 -15.24 -31.57
C GLY A 108 17.75 -14.72 -30.61
N VAL A 109 18.05 -14.57 -29.33
CA VAL A 109 16.98 -14.11 -28.47
C VAL A 109 16.46 -12.75 -28.92
N ASN A 110 17.39 -11.84 -29.23
CA ASN A 110 17.02 -10.53 -29.70
C ASN A 110 16.76 -10.65 -31.18
N PRO A 111 15.49 -10.75 -31.59
CA PRO A 111 15.19 -10.87 -33.02
C PRO A 111 15.92 -9.74 -33.78
N PRO A 112 16.20 -9.96 -35.08
CA PRO A 112 16.90 -9.03 -35.97
C PRO A 112 16.02 -7.87 -36.32
N ALA A 113 16.68 -6.75 -36.61
CA ALA A 113 16.04 -5.49 -36.97
C ALA A 113 14.92 -5.60 -38.02
N GLY A 114 14.01 -4.61 -38.02
CA GLY A 114 12.88 -4.59 -38.97
C GLY A 114 12.20 -5.95 -39.24
N TYR A 115 12.21 -6.79 -38.22
CA TYR A 115 11.59 -8.08 -38.30
C TYR A 115 10.16 -7.81 -38.01
N SER A 116 9.37 -8.85 -38.10
CA SER A 116 8.00 -8.68 -37.80
C SER A 116 7.36 -9.89 -37.18
N THR A 117 6.18 -9.59 -36.68
CA THR A 117 5.38 -10.54 -35.98
C THR A 117 4.39 -11.06 -37.01
N ASP A 118 3.83 -12.21 -36.72
CA ASP A 118 2.81 -12.78 -37.56
C ASP A 118 1.69 -12.65 -36.55
N VAL A 119 0.45 -12.41 -36.99
CA VAL A 119 -0.69 -12.25 -36.11
C VAL A 119 -1.79 -13.22 -36.55
N ILE A 120 -2.42 -13.84 -35.58
CA ILE A 120 -3.46 -14.85 -35.79
C ILE A 120 -4.64 -14.50 -34.94
N ILE A 121 -5.84 -14.80 -35.40
CA ILE A 121 -7.08 -14.57 -34.65
C ILE A 121 -8.05 -15.76 -34.88
N ALA A 122 -8.15 -16.65 -33.91
CA ALA A 122 -9.00 -17.82 -34.05
C ALA A 122 -10.17 -17.79 -33.11
N ALA A 123 -11.24 -18.47 -33.46
CA ALA A 123 -12.37 -18.48 -32.59
C ALA A 123 -12.97 -19.84 -32.62
N PHE A 124 -13.62 -20.21 -31.54
CA PHE A 124 -14.32 -21.47 -31.48
C PHE A 124 -15.48 -21.30 -30.51
N PRO A 125 -16.51 -22.16 -30.61
CA PRO A 125 -17.69 -22.07 -29.75
C PRO A 125 -17.47 -22.32 -28.29
N TRP A 126 -18.22 -21.55 -27.49
CA TRP A 126 -18.14 -21.66 -26.06
C TRP A 126 -19.45 -22.25 -25.57
N GLN A 137 -22.57 -23.68 -6.33
CA GLN A 137 -21.59 -23.41 -5.20
C GLN A 137 -20.20 -22.93 -5.65
N GLY A 138 -19.32 -22.89 -4.67
CA GLY A 138 -17.97 -22.48 -4.94
C GLY A 138 -17.18 -23.59 -5.57
N ILE A 139 -15.88 -23.56 -5.36
CA ILE A 139 -15.09 -24.54 -5.99
C ILE A 139 -13.95 -24.99 -5.11
N ASP A 140 -13.67 -24.33 -4.04
CA ASP A 140 -12.54 -24.86 -3.23
C ASP A 140 -11.26 -24.56 -3.93
N ALA A 141 -10.56 -23.61 -3.41
CA ALA A 141 -9.35 -23.30 -4.03
C ALA A 141 -8.37 -23.80 -3.04
N MET A 142 -7.11 -23.53 -3.29
CA MET A 142 -6.06 -23.95 -2.41
C MET A 142 -4.92 -22.94 -2.55
N VAL A 143 -4.12 -22.74 -1.52
CA VAL A 143 -3.03 -21.83 -1.64
C VAL A 143 -1.80 -22.63 -2.09
N SER A 144 -1.13 -22.11 -3.11
CA SER A 144 -0.04 -22.78 -3.70
C SER A 144 1.25 -22.49 -3.12
N SER A 145 2.22 -23.40 -3.30
CA SER A 145 3.59 -23.23 -2.78
C SER A 145 4.38 -22.45 -3.78
N TRP A 146 3.80 -22.15 -4.92
CA TRP A 146 4.58 -21.40 -5.88
C TRP A 146 4.17 -19.98 -5.80
N ASN A 147 5.11 -19.05 -5.72
CA ASN A 147 4.82 -17.61 -5.64
C ASN A 147 4.70 -16.97 -7.03
N ARG A 148 4.00 -15.85 -7.19
CA ARG A 148 3.98 -15.22 -8.49
C ARG A 148 5.17 -14.34 -8.73
N ALA A 149 5.41 -14.03 -9.98
CA ALA A 149 6.53 -13.20 -10.36
C ALA A 149 6.77 -11.92 -9.60
N ALA A 150 7.99 -11.76 -9.10
CA ALA A 150 8.39 -10.56 -8.37
C ALA A 150 8.37 -9.41 -9.32
N PRO A 151 8.49 -8.21 -8.75
CA PRO A 151 8.50 -7.01 -9.54
C PRO A 151 9.25 -6.71 -10.76
N ASN A 152 10.38 -6.17 -10.66
CA ASN A 152 10.92 -5.76 -11.96
C ASN A 152 11.68 -6.96 -12.53
N THR A 153 10.96 -8.05 -12.80
CA THR A 153 11.62 -9.21 -13.36
C THR A 153 10.93 -9.57 -14.68
N ILE A 154 9.67 -10.00 -14.66
CA ILE A 154 8.96 -10.30 -15.93
C ILE A 154 7.57 -9.63 -15.85
N PRO A 155 7.35 -8.46 -16.49
CA PRO A 155 6.11 -7.65 -16.54
C PRO A 155 4.78 -8.36 -16.36
N THR A 156 4.25 -8.35 -15.14
CA THR A 156 3.00 -9.04 -14.94
C THR A 156 1.84 -8.33 -15.54
N ALA A 157 2.08 -7.11 -16.00
CA ALA A 157 1.04 -6.33 -16.66
C ALA A 157 0.92 -6.72 -18.08
N ALA A 158 2.00 -7.25 -18.65
CA ALA A 158 2.07 -7.70 -20.04
C ALA A 158 1.46 -9.10 -20.00
N LYS A 159 0.49 -9.44 -20.84
CA LYS A 159 -0.10 -10.79 -20.87
C LYS A 159 0.71 -11.60 -21.90
N ALA A 160 1.97 -11.89 -21.62
CA ALA A 160 2.83 -12.59 -22.57
C ALA A 160 2.77 -14.06 -22.36
N GLY A 161 2.97 -14.80 -23.46
CA GLY A 161 2.95 -16.23 -23.47
C GLY A 161 3.86 -16.94 -22.47
N GLY A 162 5.11 -16.53 -22.25
CA GLY A 162 5.97 -17.27 -21.33
C GLY A 162 5.67 -17.05 -19.86
N ASN A 163 4.67 -16.21 -19.66
CA ASN A 163 4.23 -15.90 -18.31
C ASN A 163 3.53 -17.17 -17.89
N TYR A 164 2.85 -17.82 -18.80
CA TYR A 164 2.10 -18.96 -18.37
C TYR A 164 2.78 -20.19 -17.82
N LEU A 165 4.07 -20.12 -17.67
CA LEU A 165 4.75 -21.23 -17.06
C LEU A 165 4.27 -21.15 -15.64
N SER A 166 4.27 -19.94 -15.11
CA SER A 166 3.84 -19.75 -13.76
C SER A 166 2.40 -20.13 -13.58
N SER A 167 1.54 -19.79 -14.53
CA SER A 167 0.16 -20.24 -14.36
C SER A 167 0.09 -21.79 -14.40
N LEU A 168 1.02 -22.44 -15.12
CA LEU A 168 0.99 -23.89 -15.19
C LEU A 168 1.37 -24.44 -13.82
N LEU A 169 2.40 -23.89 -13.21
CA LEU A 169 2.84 -24.37 -11.90
C LEU A 169 1.74 -24.27 -10.84
N VAL A 170 1.19 -23.09 -10.69
CA VAL A 170 0.12 -22.87 -9.74
C VAL A 170 -1.08 -23.77 -10.09
N GLY A 171 -1.53 -23.75 -11.32
CA GLY A 171 -2.70 -24.54 -11.62
C GLY A 171 -2.62 -26.02 -11.47
N SER A 172 -1.57 -26.64 -11.98
CA SER A 172 -1.52 -28.08 -11.89
C SER A 172 -1.47 -28.52 -10.47
N GLU A 173 -0.64 -27.86 -9.66
CA GLU A 173 -0.51 -28.21 -8.23
C GLU A 173 -1.84 -28.31 -7.58
N ALA A 174 -2.73 -27.40 -7.91
CA ALA A 174 -4.01 -27.45 -7.30
C ALA A 174 -4.83 -28.61 -7.74
N ARG A 175 -4.94 -28.78 -9.07
CA ARG A 175 -5.70 -29.89 -9.68
C ARG A 175 -5.15 -31.18 -9.18
N ARG A 176 -3.84 -31.27 -9.07
CA ARG A 176 -3.18 -32.48 -8.66
C ARG A 176 -3.53 -32.82 -7.24
N HIS A 177 -4.20 -31.93 -6.53
CA HIS A 177 -4.49 -32.33 -5.16
C HIS A 177 -5.91 -32.34 -4.86
N GLY A 178 -6.78 -32.22 -5.85
CA GLY A 178 -8.16 -32.26 -5.51
C GLY A 178 -8.80 -30.90 -5.60
N TYR A 179 -8.05 -29.81 -5.63
CA TYR A 179 -8.79 -28.56 -5.77
C TYR A 179 -9.13 -28.20 -7.19
N GLN A 180 -9.90 -27.15 -7.33
CA GLN A 180 -10.24 -26.65 -8.62
C GLN A 180 -9.49 -25.35 -8.86
N GLU A 181 -8.75 -24.85 -7.88
CA GLU A 181 -7.99 -23.66 -8.11
C GLU A 181 -6.88 -23.43 -7.15
N GLY A 182 -5.84 -22.81 -7.68
CA GLY A 182 -4.71 -22.52 -6.88
C GLY A 182 -4.62 -21.02 -6.87
N ILE A 183 -4.54 -20.47 -5.67
CA ILE A 183 -4.41 -19.04 -5.47
C ILE A 183 -2.94 -18.86 -5.17
N ALA A 184 -2.32 -17.88 -5.79
CA ALA A 184 -0.91 -17.71 -5.57
C ALA A 184 -0.67 -16.46 -4.76
N LEU A 185 0.41 -16.44 -3.99
CA LEU A 185 0.81 -15.36 -3.14
C LEU A 185 1.93 -14.70 -3.91
N ASP A 186 2.40 -13.54 -3.51
CA ASP A 186 3.43 -12.93 -4.28
C ASP A 186 4.67 -13.18 -3.54
N VAL A 187 5.78 -12.62 -3.97
CA VAL A 187 7.00 -12.94 -3.26
C VAL A 187 7.05 -12.40 -1.91
N ASN A 188 6.06 -11.57 -1.57
CA ASN A 188 5.99 -10.91 -0.26
C ASN A 188 5.18 -11.67 0.78
N GLY A 189 4.40 -12.64 0.30
CA GLY A 189 3.57 -13.44 1.17
C GLY A 189 2.20 -12.88 1.13
N TYR A 190 1.89 -11.99 0.21
CA TYR A 190 0.54 -11.44 0.22
C TYR A 190 -0.20 -12.05 -0.89
N ILE A 191 -1.52 -11.98 -0.87
CA ILE A 191 -2.33 -12.54 -1.96
C ILE A 191 -2.12 -11.81 -3.26
N SER A 192 -1.95 -12.56 -4.35
CA SER A 192 -1.76 -11.95 -5.66
C SER A 192 -2.94 -12.30 -6.48
N GLU A 193 -3.13 -13.56 -6.79
CA GLU A 193 -4.30 -13.95 -7.60
C GLU A 193 -4.30 -15.43 -7.87
N GLY A 194 -5.32 -15.92 -8.56
CA GLY A 194 -5.35 -17.33 -8.86
C GLY A 194 -4.37 -17.61 -9.96
N ALA A 195 -4.30 -18.86 -10.40
CA ALA A 195 -3.39 -19.25 -11.47
C ALA A 195 -3.52 -18.40 -12.68
N GLY A 196 -4.74 -18.24 -13.16
CA GLY A 196 -4.98 -17.42 -14.35
C GLY A 196 -6.15 -16.49 -14.30
N GLU A 197 -6.55 -16.12 -13.10
CA GLU A 197 -7.66 -15.17 -12.94
C GLU A 197 -7.65 -14.42 -11.59
N ASN A 198 -8.21 -13.21 -11.58
CA ASN A 198 -8.18 -12.34 -10.40
C ASN A 198 -9.03 -12.78 -9.23
N LEU A 199 -8.61 -12.34 -8.05
CA LEU A 199 -9.21 -12.71 -6.81
C LEU A 199 -9.87 -11.53 -6.07
N PHE A 200 -11.17 -11.64 -5.75
CA PHE A 200 -11.96 -10.63 -4.97
C PHE A 200 -12.40 -11.22 -3.60
N GLU A 201 -12.34 -10.47 -2.48
CA GLU A 201 -12.80 -10.97 -1.13
C GLU A 201 -13.98 -10.08 -0.69
N VAL A 202 -14.99 -10.55 0.04
CA VAL A 202 -16.03 -9.60 0.47
C VAL A 202 -15.99 -9.66 1.97
N LYS A 203 -15.70 -8.58 2.63
CA LYS A 203 -15.67 -8.64 4.06
C LYS A 203 -16.93 -8.10 4.61
N ASP A 204 -16.96 -6.97 5.26
CA ASP A 204 -18.30 -6.70 5.80
C ASP A 204 -19.11 -5.98 4.82
N GLY A 205 -19.55 -6.67 3.77
CA GLY A 205 -20.26 -6.01 2.70
C GLY A 205 -19.39 -5.05 1.82
N VAL A 206 -18.06 -5.09 2.00
CA VAL A 206 -17.11 -4.27 1.22
C VAL A 206 -16.32 -5.14 0.23
N LEU A 207 -16.02 -4.62 -0.96
CA LEU A 207 -15.28 -5.35 -1.97
C LEU A 207 -13.84 -5.71 -1.79
N PHE A 208 -12.79 -4.93 -2.00
CA PHE A 208 -11.42 -5.62 -1.80
C PHE A 208 -10.77 -6.58 -2.87
N THR A 209 -9.78 -6.13 -3.62
CA THR A 209 -9.01 -7.01 -4.51
C THR A 209 -7.64 -6.46 -4.32
N PRO A 210 -6.63 -7.25 -4.71
CA PRO A 210 -5.25 -6.79 -4.56
C PRO A 210 -4.89 -5.81 -5.70
N PRO A 211 -3.98 -4.90 -5.42
CA PRO A 211 -3.65 -4.01 -6.50
C PRO A 211 -2.70 -4.78 -7.46
N PHE A 212 -2.30 -4.17 -8.58
CA PHE A 212 -1.39 -4.86 -9.50
C PHE A 212 0.00 -5.01 -8.95
N THR A 213 0.34 -4.19 -7.98
CA THR A 213 1.69 -4.24 -7.47
C THR A 213 1.86 -5.48 -6.69
N SER A 214 0.75 -6.18 -6.53
CA SER A 214 0.75 -7.46 -5.87
C SER A 214 0.85 -8.51 -7.00
N SER A 215 1.64 -8.22 -8.05
CA SER A 215 1.77 -9.06 -9.25
C SER A 215 0.52 -9.63 -9.83
N ALA A 216 -0.57 -8.88 -9.73
CA ALA A 216 -1.87 -9.25 -10.27
C ALA A 216 -1.94 -8.64 -11.64
N LEU A 217 -2.75 -9.19 -12.50
CA LEU A 217 -2.83 -8.66 -13.82
C LEU A 217 -4.12 -7.89 -13.98
N PRO A 218 -4.04 -6.72 -14.63
CA PRO A 218 -5.13 -5.79 -14.93
C PRO A 218 -6.21 -6.51 -15.67
N GLY A 219 -6.89 -7.41 -15.00
CA GLY A 219 -7.94 -8.15 -15.66
C GLY A 219 -8.99 -7.20 -16.16
N ILE A 220 -9.59 -7.52 -17.29
CA ILE A 220 -10.62 -6.71 -17.84
C ILE A 220 -11.98 -7.04 -17.25
N THR A 221 -12.09 -8.24 -16.68
CA THR A 221 -13.31 -8.69 -16.04
C THR A 221 -13.27 -7.99 -14.70
N ARG A 222 -12.12 -8.10 -14.01
CA ARG A 222 -11.88 -7.46 -12.72
C ARG A 222 -12.27 -6.02 -12.81
N ASP A 223 -11.96 -5.44 -13.94
CA ASP A 223 -12.32 -4.07 -14.19
C ASP A 223 -13.82 -3.90 -14.25
N ALA A 224 -14.48 -4.63 -15.14
CA ALA A 224 -15.92 -4.48 -15.22
C ALA A 224 -16.58 -4.63 -13.83
N ILE A 225 -16.08 -5.55 -13.03
CA ILE A 225 -16.60 -5.85 -11.69
C ILE A 225 -16.56 -4.65 -10.77
N ILE A 226 -15.38 -4.11 -10.51
CA ILE A 226 -15.29 -2.90 -9.68
C ILE A 226 -16.24 -1.84 -10.21
N LYS A 227 -16.51 -1.81 -11.49
CA LYS A 227 -17.46 -0.83 -11.96
C LYS A 227 -18.86 -1.15 -11.58
N LEU A 228 -19.34 -2.32 -11.97
CA LEU A 228 -20.67 -2.74 -11.56
C LEU A 228 -20.79 -2.58 -10.04
N ALA A 229 -19.82 -3.09 -9.27
CA ALA A 229 -19.80 -2.96 -7.82
C ALA A 229 -20.15 -1.56 -7.47
N LYS A 230 -19.57 -0.64 -8.22
CA LYS A 230 -19.85 0.75 -7.98
C LYS A 230 -21.30 1.09 -8.32
N GLU A 231 -21.79 0.83 -9.53
CA GLU A 231 -23.20 1.13 -9.78
C GLU A 231 -24.09 0.55 -8.69
N LEU A 232 -23.79 -0.68 -8.28
CA LEU A 232 -24.54 -1.40 -7.26
C LEU A 232 -24.52 -0.82 -5.83
N GLY A 233 -23.73 0.21 -5.62
CA GLY A 233 -23.67 0.87 -4.34
C GLY A 233 -22.69 0.31 -3.32
N ILE A 234 -21.78 -0.52 -3.85
CA ILE A 234 -20.76 -1.25 -3.09
C ILE A 234 -19.44 -0.55 -2.91
N GLU A 235 -19.04 -0.40 -1.68
CA GLU A 235 -17.78 0.26 -1.52
C GLU A 235 -16.76 -0.75 -2.08
N VAL A 236 -15.69 -0.28 -2.72
CA VAL A 236 -14.66 -1.18 -3.25
C VAL A 236 -13.29 -0.76 -2.75
N ARG A 237 -12.55 -1.64 -2.10
CA ARG A 237 -11.24 -1.25 -1.66
C ARG A 237 -10.18 -2.07 -2.35
N GLU A 238 -9.20 -1.45 -2.96
CA GLU A 238 -8.13 -2.19 -3.62
C GLU A 238 -6.96 -2.16 -2.71
N GLN A 239 -6.51 -3.29 -2.20
CA GLN A 239 -5.36 -3.16 -1.33
C GLN A 239 -4.73 -4.49 -1.11
N VAL A 240 -3.54 -4.48 -0.52
CA VAL A 240 -2.80 -5.68 -0.20
C VAL A 240 -3.51 -6.59 0.80
N LEU A 241 -3.86 -7.82 0.42
CA LEU A 241 -4.57 -8.80 1.27
C LEU A 241 -3.60 -9.81 1.86
N SER A 242 -3.75 -10.22 3.12
CA SER A 242 -2.79 -11.14 3.65
C SER A 242 -3.43 -12.51 3.51
N ARG A 243 -2.62 -13.56 3.56
CA ARG A 243 -3.13 -14.92 3.38
C ARG A 243 -4.39 -15.24 4.17
N GLU A 244 -4.30 -14.98 5.46
CA GLU A 244 -5.37 -15.20 6.42
C GLU A 244 -6.67 -14.64 5.96
N SER A 245 -6.66 -13.50 5.30
CA SER A 245 -7.95 -12.98 4.91
C SER A 245 -8.84 -14.00 4.22
N LEU A 246 -8.25 -14.95 3.52
CA LEU A 246 -9.10 -15.95 2.85
C LEU A 246 -9.95 -16.71 3.85
N TYR A 247 -9.42 -16.90 5.04
CA TYR A 247 -10.10 -17.65 6.08
C TYR A 247 -11.10 -16.82 6.82
N LEU A 248 -10.93 -15.49 6.82
CA LEU A 248 -11.85 -14.59 7.54
C LEU A 248 -12.87 -13.89 6.70
N ALA A 249 -12.70 -13.88 5.38
CA ALA A 249 -13.64 -13.20 4.51
C ALA A 249 -15.00 -13.75 4.64
N ASP A 250 -15.98 -13.11 4.02
CA ASP A 250 -17.33 -13.67 4.09
C ASP A 250 -17.63 -14.26 2.69
N GLU A 251 -17.02 -13.65 1.67
CA GLU A 251 -17.16 -14.13 0.28
C GLU A 251 -15.81 -14.08 -0.42
N VAL A 252 -15.57 -15.00 -1.32
CA VAL A 252 -14.38 -14.90 -2.11
C VAL A 252 -14.77 -15.39 -3.45
N PHE A 253 -14.30 -14.72 -4.48
CA PHE A 253 -14.66 -15.14 -5.79
C PHE A 253 -13.64 -14.69 -6.84
N MET A 254 -13.47 -15.50 -7.88
CA MET A 254 -12.49 -15.20 -8.93
C MET A 254 -13.15 -14.66 -10.17
N SER A 255 -12.39 -13.95 -11.00
CA SER A 255 -12.94 -13.43 -12.26
C SER A 255 -12.00 -13.64 -13.46
N GLY A 256 -12.55 -13.73 -14.67
CA GLY A 256 -11.71 -13.89 -15.84
C GLY A 256 -12.58 -13.99 -17.07
N THR A 257 -12.02 -13.75 -18.24
CA THR A 257 -12.84 -13.83 -19.41
C THR A 257 -13.49 -15.20 -19.56
N ALA A 258 -12.75 -16.27 -19.27
CA ALA A 258 -13.27 -17.64 -19.44
C ALA A 258 -14.22 -18.08 -18.37
N ALA A 259 -13.84 -17.75 -17.13
CA ALA A 259 -14.57 -18.04 -15.89
C ALA A 259 -15.78 -17.10 -15.59
N GLU A 260 -15.56 -15.80 -15.72
CA GLU A 260 -16.57 -14.78 -15.47
C GLU A 260 -16.52 -14.60 -14.00
N ILE A 261 -17.44 -15.17 -13.26
CA ILE A 261 -17.42 -14.97 -11.83
C ILE A 261 -17.54 -16.31 -11.11
N THR A 262 -16.44 -16.78 -10.55
CA THR A 262 -16.45 -18.06 -9.85
C THR A 262 -16.40 -18.00 -8.33
N PRO A 263 -17.51 -18.36 -7.75
CA PRO A 263 -17.63 -18.36 -6.31
C PRO A 263 -16.62 -19.34 -5.75
N VAL A 264 -15.90 -19.01 -4.70
CA VAL A 264 -14.97 -19.98 -4.11
C VAL A 264 -15.56 -20.28 -2.78
N ARG A 265 -16.02 -21.49 -2.55
CA ARG A 265 -16.62 -21.74 -1.26
C ARG A 265 -15.74 -22.31 -0.20
N SER A 266 -14.48 -22.56 -0.51
CA SER A 266 -13.56 -23.09 0.49
C SER A 266 -12.15 -22.76 0.08
N VAL A 267 -11.25 -22.68 1.05
CA VAL A 267 -9.89 -22.37 0.75
C VAL A 267 -9.14 -23.16 1.74
N ASP A 268 -8.31 -24.07 1.24
CA ASP A 268 -7.55 -24.96 2.09
C ASP A 268 -8.45 -25.76 2.98
N GLY A 269 -9.63 -26.04 2.50
CA GLY A 269 -10.53 -26.85 3.29
C GLY A 269 -11.34 -26.07 4.30
N ILE A 270 -10.88 -24.90 4.66
CA ILE A 270 -11.57 -24.05 5.58
C ILE A 270 -12.70 -23.41 4.81
N GLN A 271 -13.91 -23.52 5.35
CA GLN A 271 -15.07 -22.97 4.68
C GLN A 271 -15.09 -21.43 4.60
N VAL A 272 -15.45 -20.96 3.45
CA VAL A 272 -15.52 -19.56 3.26
C VAL A 272 -17.01 -19.20 3.42
N GLY A 273 -17.36 -18.84 4.66
CA GLY A 273 -18.72 -18.46 5.01
C GLY A 273 -19.93 -19.23 4.47
N GLU A 274 -20.46 -20.14 5.28
CA GLU A 274 -21.66 -20.85 4.83
C GLU A 274 -21.60 -21.78 3.63
N GLY A 275 -20.40 -21.98 3.09
CA GLY A 275 -20.18 -22.90 1.97
C GLY A 275 -20.72 -22.46 0.65
N ARG A 276 -20.43 -21.18 0.35
CA ARG A 276 -20.86 -20.46 -0.85
C ARG A 276 -22.28 -20.16 -0.65
N CYS A 277 -22.54 -18.90 -0.93
CA CYS A 277 -23.88 -18.36 -0.83
C CYS A 277 -23.71 -17.03 -1.56
N GLY A 278 -22.62 -16.35 -1.23
CA GLY A 278 -22.31 -15.08 -1.83
C GLY A 278 -23.39 -14.06 -2.12
N PRO A 279 -23.96 -13.42 -1.11
CA PRO A 279 -24.99 -12.43 -1.46
C PRO A 279 -24.37 -11.33 -2.32
N VAL A 280 -23.22 -10.80 -1.94
CA VAL A 280 -22.65 -9.79 -2.81
C VAL A 280 -22.33 -10.36 -4.19
N THR A 281 -21.74 -11.55 -4.21
CA THR A 281 -21.38 -12.22 -5.44
C THR A 281 -22.58 -12.34 -6.34
N LYS A 282 -23.69 -12.83 -5.79
CA LYS A 282 -24.93 -13.00 -6.55
C LYS A 282 -25.39 -11.69 -7.15
N ARG A 283 -25.35 -10.63 -6.36
CA ARG A 283 -25.73 -9.32 -6.85
C ARG A 283 -24.85 -8.98 -8.04
N ILE A 284 -23.53 -9.04 -7.89
CA ILE A 284 -22.64 -8.72 -9.00
C ILE A 284 -22.94 -9.60 -10.21
N GLN A 285 -23.05 -10.92 -10.01
CA GLN A 285 -23.30 -11.82 -11.12
C GLN A 285 -24.45 -11.39 -11.97
N GLN A 286 -25.50 -11.03 -11.28
CA GLN A 286 -26.68 -10.60 -11.97
C GLN A 286 -26.44 -9.31 -12.71
N ALA A 287 -25.71 -8.41 -12.08
CA ALA A 287 -25.40 -7.18 -12.77
C ALA A 287 -24.71 -7.59 -14.06
N PHE A 288 -23.78 -8.55 -13.98
CA PHE A 288 -23.01 -9.03 -15.14
C PHE A 288 -23.84 -9.61 -16.29
N PHE A 289 -24.56 -10.68 -16.02
CA PHE A 289 -25.37 -11.31 -17.04
C PHE A 289 -26.45 -10.38 -17.51
N GLY A 290 -26.94 -9.61 -16.56
CA GLY A 290 -27.98 -8.65 -16.86
C GLY A 290 -27.63 -7.85 -18.11
N LEU A 291 -26.32 -7.60 -18.32
CA LEU A 291 -25.82 -6.87 -19.51
C LEU A 291 -26.26 -7.53 -20.86
N PHE A 292 -26.25 -8.86 -20.92
CA PHE A 292 -26.59 -9.55 -22.17
C PHE A 292 -28.08 -9.78 -22.32
N THR A 293 -28.75 -9.49 -21.22
CA THR A 293 -30.16 -9.70 -21.14
C THR A 293 -30.91 -8.42 -21.34
N GLY A 294 -30.27 -7.31 -21.05
CA GLY A 294 -30.93 -6.04 -21.21
C GLY A 294 -31.20 -5.40 -19.88
N GLU A 295 -31.30 -6.23 -18.84
CA GLU A 295 -31.57 -5.75 -17.49
C GLU A 295 -30.53 -4.76 -17.03
N THR A 296 -29.31 -4.91 -17.51
CA THR A 296 -28.29 -4.01 -17.09
C THR A 296 -27.93 -3.06 -18.19
N GLU A 297 -27.78 -1.81 -17.82
CA GLU A 297 -27.44 -0.80 -18.80
C GLU A 297 -25.97 -0.78 -19.10
N ASP A 298 -25.70 -0.72 -20.39
CA ASP A 298 -24.37 -0.66 -20.86
C ASP A 298 -24.07 0.80 -20.74
N LYS A 299 -23.82 1.26 -19.52
CA LYS A 299 -23.51 2.68 -19.35
C LYS A 299 -22.26 3.00 -20.14
N TRP A 300 -21.25 2.18 -19.93
CA TRP A 300 -19.91 2.35 -20.47
C TRP A 300 -19.67 2.03 -21.94
N GLY A 301 -20.50 1.18 -22.52
CA GLY A 301 -20.31 0.83 -23.93
C GLY A 301 -19.40 -0.40 -24.15
N TRP A 302 -19.79 -1.49 -23.49
CA TRP A 302 -19.06 -2.72 -23.48
C TRP A 302 -19.48 -3.75 -24.48
N LEU A 303 -20.63 -3.60 -25.12
CA LEU A 303 -21.07 -4.59 -26.13
C LEU A 303 -20.76 -4.04 -27.55
N ASP A 304 -20.16 -4.88 -28.38
CA ASP A 304 -19.81 -4.49 -29.74
C ASP A 304 -20.33 -5.58 -30.66
N GLN A 305 -21.53 -5.40 -31.22
CA GLN A 305 -22.10 -6.44 -32.08
C GLN A 305 -21.26 -6.79 -33.23
N VAL A 306 -21.33 -8.05 -33.60
CA VAL A 306 -20.55 -8.54 -34.69
C VAL A 306 -21.21 -8.14 -35.99
N ASN A 307 -22.52 -8.31 -36.00
CA ASN A 307 -23.37 -8.06 -37.14
C ASN A 307 -23.86 -6.66 -37.23
N GLN A 308 -22.95 -5.71 -37.33
CA GLN A 308 -23.38 -4.33 -37.44
C GLN A 308 -23.35 -3.99 -38.93
N LYS B 4 -5.92 -12.18 41.66
CA LYS B 4 -6.68 -13.43 41.99
C LYS B 4 -8.19 -13.17 42.13
N ALA B 5 -8.91 -14.23 42.49
CA ALA B 5 -10.36 -14.20 42.68
C ALA B 5 -10.55 -15.68 42.93
N ASP B 6 -11.75 -16.21 42.81
CA ASP B 6 -11.86 -17.65 43.05
C ASP B 6 -12.96 -18.01 42.12
N TYR B 7 -12.80 -19.05 41.33
CA TYR B 7 -13.78 -19.44 40.34
C TYR B 7 -13.29 -18.99 39.01
N ILE B 8 -12.79 -19.98 38.29
CA ILE B 8 -12.31 -19.80 36.95
C ILE B 8 -13.25 -20.67 36.20
N TRP B 9 -13.91 -20.22 35.12
CA TRP B 9 -14.79 -21.17 34.44
C TRP B 9 -13.82 -22.23 33.88
N PHE B 10 -14.28 -23.39 33.44
CA PHE B 10 -13.36 -24.42 33.01
C PHE B 10 -14.13 -25.52 32.37
N ASN B 11 -14.00 -25.68 31.08
CA ASN B 11 -14.76 -26.71 30.42
C ASN B 11 -16.17 -26.77 30.90
N GLY B 12 -16.77 -25.59 31.02
CA GLY B 12 -18.18 -25.55 31.38
C GLY B 12 -18.56 -25.60 32.84
N GLU B 13 -17.61 -25.61 33.76
CA GLU B 13 -17.97 -25.65 35.16
C GLU B 13 -17.20 -24.58 35.80
N MET B 14 -17.64 -24.11 36.96
CA MET B 14 -16.91 -23.06 37.68
C MET B 14 -16.11 -23.92 38.61
N VAL B 15 -14.93 -23.48 39.00
CA VAL B 15 -14.03 -24.26 39.79
C VAL B 15 -13.25 -23.33 40.69
N ARG B 16 -13.07 -23.71 41.93
CA ARG B 16 -12.33 -22.86 42.83
C ARG B 16 -11.03 -22.57 42.15
N TRP B 17 -10.54 -21.37 42.30
CA TRP B 17 -9.33 -20.98 41.65
C TRP B 17 -8.20 -21.87 41.79
N GLU B 18 -8.15 -22.62 42.86
CA GLU B 18 -6.94 -23.42 43.05
C GLU B 18 -7.06 -24.82 42.50
N ASP B 19 -8.14 -25.09 41.84
CA ASP B 19 -8.29 -26.40 41.33
C ASP B 19 -8.27 -26.38 39.83
N ALA B 20 -7.98 -25.24 39.24
CA ALA B 20 -7.93 -25.20 37.79
C ALA B 20 -6.46 -25.44 37.50
N LYS B 21 -6.16 -26.73 37.40
CA LYS B 21 -4.84 -27.20 37.14
C LYS B 21 -4.91 -28.07 35.94
N VAL B 22 -3.75 -28.13 35.32
CA VAL B 22 -3.62 -28.85 34.09
C VAL B 22 -2.28 -29.54 34.10
N HIS B 23 -2.27 -30.76 33.56
CA HIS B 23 -1.08 -31.61 33.53
C HIS B 23 0.04 -30.95 32.81
N VAL B 24 1.23 -31.18 33.28
CA VAL B 24 2.41 -30.68 32.68
C VAL B 24 2.68 -31.18 31.22
N MET B 25 1.97 -32.16 30.65
CA MET B 25 2.29 -32.61 29.26
C MET B 25 1.15 -32.24 28.35
N SER B 26 0.62 -31.06 28.61
CA SER B 26 -0.48 -30.50 27.83
C SER B 26 0.21 -29.87 26.69
N HIS B 27 -0.36 -30.07 25.54
CA HIS B 27 0.24 -29.59 24.30
C HIS B 27 0.82 -28.19 24.43
N ALA B 28 -0.09 -27.23 24.75
CA ALA B 28 0.18 -25.79 24.89
C ALA B 28 1.34 -25.34 25.68
N LEU B 29 1.74 -26.10 26.68
CA LEU B 29 2.89 -25.69 27.45
C LEU B 29 4.16 -25.96 26.72
N HIS B 30 4.11 -26.92 25.79
CA HIS B 30 5.32 -27.34 25.05
C HIS B 30 5.43 -26.69 23.69
N TYR B 31 4.32 -26.67 23.00
CA TYR B 31 4.21 -26.19 21.64
C TYR B 31 3.55 -24.82 21.36
N GLY B 32 3.08 -24.12 22.40
CA GLY B 32 2.49 -22.80 22.24
C GLY B 32 1.22 -22.76 21.48
N THR B 33 0.47 -23.85 21.56
CA THR B 33 -0.78 -23.99 20.87
C THR B 33 -2.02 -23.47 21.60
N SER B 34 -2.00 -22.27 22.11
CA SER B 34 -3.21 -21.82 22.78
C SER B 34 -3.55 -20.65 22.01
N VAL B 35 -4.76 -20.18 22.24
CA VAL B 35 -5.30 -19.03 21.58
C VAL B 35 -6.00 -18.25 22.70
N PHE B 36 -5.81 -16.93 22.78
CA PHE B 36 -6.43 -16.18 23.84
C PHE B 36 -7.05 -14.84 23.46
N GLU B 37 -7.73 -14.24 24.44
CA GLU B 37 -8.36 -12.94 24.27
C GLU B 37 -8.15 -12.07 25.50
N GLY B 38 -8.32 -10.78 25.28
CA GLY B 38 -8.19 -9.75 26.31
C GLY B 38 -9.51 -8.99 26.24
N ILE B 39 -10.27 -9.00 27.34
CA ILE B 39 -11.57 -8.32 27.44
C ILE B 39 -11.67 -7.48 28.73
N ARG B 40 -12.37 -6.34 28.67
CA ARG B 40 -12.49 -5.46 29.83
C ARG B 40 -13.90 -5.34 30.24
N CYS B 41 -14.10 -5.38 31.55
CA CYS B 41 -15.43 -5.12 32.15
C CYS B 41 -15.28 -3.72 32.71
N TYR B 42 -16.18 -2.86 32.28
CA TYR B 42 -16.15 -1.49 32.79
C TYR B 42 -17.38 -1.15 33.66
N ASP B 43 -17.14 -0.50 34.80
CA ASP B 43 -18.26 0.03 35.63
C ASP B 43 -18.75 1.28 34.83
N SER B 44 -19.94 1.24 34.28
CA SER B 44 -20.35 2.36 33.49
C SER B 44 -21.49 3.16 34.10
N HIS B 45 -22.09 4.03 33.30
CA HIS B 45 -23.16 4.82 33.80
C HIS B 45 -24.31 3.84 33.72
N LYS B 46 -24.03 2.57 33.87
CA LYS B 46 -25.08 1.55 33.81
C LYS B 46 -24.48 0.19 33.86
N GLY B 47 -23.14 0.13 33.74
CA GLY B 47 -22.32 -1.09 33.69
C GLY B 47 -22.58 -1.63 35.04
N PRO B 48 -21.91 -2.66 35.55
CA PRO B 48 -20.85 -3.45 34.97
C PRO B 48 -21.24 -3.80 33.57
N VAL B 49 -20.40 -3.38 32.66
CA VAL B 49 -20.63 -3.55 31.25
C VAL B 49 -19.30 -4.05 30.55
N VAL B 50 -19.45 -5.13 29.76
CA VAL B 50 -18.34 -5.80 29.02
C VAL B 50 -18.16 -5.12 27.71
N PHE B 51 -16.96 -4.69 27.42
CA PHE B 51 -16.73 -3.94 26.18
C PHE B 51 -16.52 -4.72 24.86
N ARG B 52 -17.44 -4.57 23.92
CA ARG B 52 -17.33 -5.25 22.61
C ARG B 52 -17.00 -6.69 22.93
N HIS B 53 -17.91 -7.25 23.70
CA HIS B 53 -17.85 -8.61 24.17
C HIS B 53 -17.92 -9.62 23.04
N ARG B 54 -18.96 -9.54 22.22
CA ARG B 54 -19.10 -10.51 21.17
C ARG B 54 -17.99 -10.45 20.18
N GLU B 55 -17.55 -9.28 19.80
CA GLU B 55 -16.49 -9.16 18.86
C GLU B 55 -15.27 -9.79 19.43
N HIS B 56 -15.09 -9.79 20.74
CA HIS B 56 -13.87 -10.44 21.24
C HIS B 56 -13.99 -11.99 21.17
N MET B 57 -15.23 -12.50 21.27
CA MET B 57 -15.50 -13.94 21.28
C MET B 57 -15.46 -14.46 19.85
N GLN B 58 -15.94 -13.66 18.92
CA GLN B 58 -15.86 -14.03 17.51
C GLN B 58 -14.37 -14.16 17.21
N ARG B 59 -13.57 -13.19 17.57
CA ARG B 59 -12.19 -13.31 17.29
C ARG B 59 -11.58 -14.48 17.99
N LEU B 60 -12.15 -14.96 19.08
CA LEU B 60 -11.52 -16.10 19.77
C LEU B 60 -11.75 -17.16 18.73
N HIS B 61 -12.96 -17.31 18.22
CA HIS B 61 -13.23 -18.31 17.24
C HIS B 61 -12.32 -18.24 16.02
N ASP B 62 -12.12 -17.05 15.48
CA ASP B 62 -11.27 -16.88 14.34
C ASP B 62 -9.84 -17.30 14.60
N SER B 63 -9.30 -16.95 15.73
CA SER B 63 -7.98 -17.34 15.94
C SER B 63 -7.84 -18.88 15.85
N ALA B 64 -8.86 -19.61 16.28
CA ALA B 64 -8.77 -21.07 16.30
C ALA B 64 -9.07 -21.67 14.97
N LYS B 65 -9.98 -21.05 14.24
CA LYS B 65 -10.39 -21.47 12.91
C LYS B 65 -9.15 -21.55 12.06
N ILE B 66 -8.31 -20.51 12.10
CA ILE B 66 -7.07 -20.48 11.35
C ILE B 66 -6.13 -21.62 11.75
N TYR B 67 -6.02 -21.96 13.03
CA TYR B 67 -5.12 -23.05 13.36
C TYR B 67 -5.88 -24.40 13.43
N ARG B 68 -7.13 -24.34 13.04
CA ARG B 68 -7.90 -25.55 13.05
C ARG B 68 -8.17 -26.23 14.37
N PHE B 69 -7.95 -25.54 15.51
CA PHE B 69 -8.23 -26.06 16.84
C PHE B 69 -9.74 -26.20 16.91
N PRO B 70 -10.28 -27.34 17.34
CA PRO B 70 -11.73 -27.53 17.42
C PRO B 70 -12.41 -26.84 18.63
N VAL B 71 -13.63 -26.36 18.43
CA VAL B 71 -14.32 -25.65 19.48
C VAL B 71 -15.75 -26.07 19.67
N SER B 72 -15.99 -26.61 20.85
CA SER B 72 -17.32 -27.09 21.23
C SER B 72 -18.31 -25.94 21.46
N GLN B 73 -17.86 -24.88 22.13
CA GLN B 73 -18.75 -23.79 22.45
C GLN B 73 -19.04 -22.72 21.50
N SER B 74 -20.33 -22.47 21.46
CA SER B 74 -20.80 -21.40 20.64
C SER B 74 -20.34 -20.07 21.25
N ILE B 75 -20.59 -19.02 20.50
CA ILE B 75 -20.19 -17.72 20.91
C ILE B 75 -21.03 -17.38 22.11
N ASP B 76 -22.32 -17.66 22.01
CA ASP B 76 -23.21 -17.36 23.11
C ASP B 76 -22.92 -18.13 24.35
N GLU B 77 -22.48 -19.36 24.25
CA GLU B 77 -22.16 -20.00 25.46
C GLU B 77 -20.93 -19.37 26.01
N LEU B 78 -20.02 -18.90 25.17
CA LEU B 78 -18.82 -18.35 25.74
C LEU B 78 -19.20 -17.02 26.41
N MET B 79 -20.18 -16.37 25.81
CA MET B 79 -20.56 -15.07 26.33
C MET B 79 -21.20 -15.16 27.71
N GLU B 80 -22.20 -16.05 27.82
CA GLU B 80 -22.84 -16.28 29.09
C GLU B 80 -21.84 -16.71 30.10
N ALA B 81 -20.94 -17.61 29.73
CA ALA B 81 -19.93 -18.03 30.67
C ALA B 81 -19.12 -16.87 31.09
N CYS B 82 -18.94 -15.89 30.22
CA CYS B 82 -18.14 -14.74 30.59
C CYS B 82 -18.91 -14.00 31.67
N ARG B 83 -20.18 -13.73 31.39
CA ARG B 83 -21.00 -13.05 32.36
C ARG B 83 -21.01 -13.81 33.70
N ASP B 84 -21.42 -15.07 33.70
CA ASP B 84 -21.40 -15.86 34.92
C ASP B 84 -20.10 -15.69 35.71
N VAL B 85 -18.95 -15.63 35.05
CA VAL B 85 -17.69 -15.50 35.80
C VAL B 85 -17.58 -14.16 36.42
N ILE B 86 -18.18 -13.15 35.79
CA ILE B 86 -18.10 -11.81 36.36
C ILE B 86 -18.96 -11.78 37.63
N ARG B 87 -20.25 -12.09 37.46
CA ARG B 87 -21.20 -12.14 38.56
C ARG B 87 -20.65 -13.04 39.60
N LYS B 88 -20.55 -14.32 39.32
CA LYS B 88 -20.04 -15.21 40.34
C LYS B 88 -18.88 -14.66 41.15
N ASN B 89 -18.03 -13.83 40.59
CA ASN B 89 -16.89 -13.40 41.40
C ASN B 89 -17.13 -12.10 42.08
N ASN B 90 -18.28 -11.54 41.79
CA ASN B 90 -18.75 -10.29 42.35
C ASN B 90 -17.81 -9.24 41.87
N LEU B 91 -17.71 -9.10 40.55
CA LEU B 91 -16.80 -8.11 40.02
C LEU B 91 -17.56 -7.04 39.24
N THR B 92 -16.94 -5.88 39.24
CA THR B 92 -17.54 -4.78 38.55
C THR B 92 -16.53 -4.38 37.47
N SER B 93 -15.31 -4.17 37.86
CA SER B 93 -14.33 -3.91 36.86
C SER B 93 -13.12 -4.83 36.90
N ALA B 94 -12.99 -5.57 35.81
CA ALA B 94 -11.92 -6.53 35.69
C ALA B 94 -11.52 -6.71 34.24
N TYR B 95 -10.48 -7.51 34.15
CA TYR B 95 -9.87 -7.89 32.91
C TYR B 95 -10.27 -9.36 32.64
N ILE B 96 -11.12 -9.63 31.68
CA ILE B 96 -11.44 -11.04 31.46
C ILE B 96 -10.41 -11.74 30.50
N ARG B 97 -10.01 -12.96 30.83
CA ARG B 97 -9.09 -13.69 30.00
C ARG B 97 -9.53 -15.04 29.48
N PRO B 98 -10.20 -15.12 28.35
CA PRO B 98 -10.58 -16.48 27.88
C PRO B 98 -9.34 -17.18 27.14
N LEU B 99 -8.99 -18.46 27.42
CA LEU B 99 -7.92 -19.25 26.72
C LEU B 99 -8.59 -20.46 26.05
N ILE B 100 -8.02 -20.98 25.00
CA ILE B 100 -8.53 -22.18 24.33
C ILE B 100 -7.22 -22.86 24.07
N PHE B 101 -6.97 -24.02 24.65
CA PHE B 101 -5.70 -24.65 24.45
C PHE B 101 -5.80 -26.13 24.22
N VAL B 102 -4.74 -26.67 23.63
CA VAL B 102 -4.69 -28.07 23.31
C VAL B 102 -4.18 -28.71 24.58
N GLY B 103 -4.99 -29.64 25.13
CA GLY B 103 -4.69 -30.31 26.39
C GLY B 103 -3.69 -31.44 26.53
N ASP B 104 -4.04 -32.52 27.28
CA ASP B 104 -3.16 -33.73 27.44
C ASP B 104 -3.68 -34.65 26.35
N VAL B 105 -3.00 -34.44 25.25
CA VAL B 105 -3.15 -35.04 23.97
C VAL B 105 -1.66 -35.50 23.94
N GLY B 106 -1.18 -36.17 22.90
CA GLY B 106 0.21 -36.61 22.91
C GLY B 106 1.34 -35.58 22.82
N MET B 107 2.59 -36.05 22.71
CA MET B 107 3.75 -35.18 22.59
C MET B 107 4.04 -34.93 21.10
N GLY B 108 3.05 -35.21 20.23
CA GLY B 108 3.27 -35.02 18.80
C GLY B 108 2.71 -33.69 18.33
N VAL B 109 3.52 -32.86 17.68
CA VAL B 109 3.05 -31.56 17.24
C VAL B 109 1.64 -31.62 16.62
N ASN B 110 1.29 -32.63 15.82
CA ASN B 110 -0.11 -32.63 15.28
C ASN B 110 -1.02 -33.39 16.22
N PRO B 111 -1.88 -32.68 16.96
CA PRO B 111 -2.74 -33.47 17.84
C PRO B 111 -3.44 -34.58 17.05
N PRO B 112 -3.65 -35.75 17.71
CA PRO B 112 -4.30 -36.97 17.21
C PRO B 112 -5.55 -36.46 16.60
N ALA B 113 -6.20 -37.25 15.76
CA ALA B 113 -7.44 -36.75 15.19
C ALA B 113 -8.55 -36.74 16.28
N GLY B 114 -9.67 -36.10 15.94
CA GLY B 114 -10.81 -35.94 16.84
C GLY B 114 -10.46 -35.57 18.28
N TYR B 115 -9.51 -34.66 18.47
CA TYR B 115 -9.16 -34.31 19.85
C TYR B 115 -9.90 -33.11 20.28
N SER B 116 -9.56 -32.70 21.49
CA SER B 116 -10.20 -31.54 21.98
C SER B 116 -9.44 -30.55 22.84
N THR B 117 -9.84 -29.31 22.57
CA THR B 117 -9.28 -28.15 23.21
C THR B 117 -10.02 -27.96 24.54
N ASP B 118 -9.25 -27.64 25.57
CA ASP B 118 -9.79 -27.37 26.89
C ASP B 118 -10.07 -25.85 26.83
N VAL B 119 -11.12 -25.35 27.51
CA VAL B 119 -11.41 -23.91 27.54
C VAL B 119 -11.52 -23.46 28.99
N ILE B 120 -10.94 -22.31 29.25
CA ILE B 120 -10.91 -21.59 30.54
C ILE B 120 -11.49 -20.15 30.31
N ILE B 121 -11.80 -19.40 31.38
CA ILE B 121 -12.24 -18.02 31.32
C ILE B 121 -11.97 -17.45 32.70
N ALA B 122 -10.79 -16.91 32.94
CA ALA B 122 -10.46 -16.27 34.20
C ALA B 122 -10.83 -14.77 34.10
N ALA B 123 -11.11 -14.12 35.22
CA ALA B 123 -11.47 -12.71 35.20
C ALA B 123 -10.96 -12.21 36.48
N PHE B 124 -10.17 -11.18 36.47
CA PHE B 124 -9.71 -10.67 37.72
C PHE B 124 -9.86 -9.14 37.75
N PRO B 125 -9.94 -8.55 38.94
CA PRO B 125 -10.11 -7.11 39.02
C PRO B 125 -9.05 -6.24 38.40
N TRP B 126 -9.56 -5.31 37.60
CA TRP B 126 -8.72 -4.37 36.91
C TRP B 126 -8.79 -2.98 37.51
N GLN B 137 0.91 12.39 31.58
CA GLN B 137 1.55 12.69 30.26
C GLN B 137 1.79 11.43 29.41
N GLY B 138 2.62 11.56 28.37
CA GLY B 138 2.89 10.45 27.49
C GLY B 138 3.79 9.42 28.10
N ILE B 139 4.24 8.49 27.27
CA ILE B 139 5.11 7.49 27.78
C ILE B 139 6.57 7.45 27.35
N ASP B 140 6.99 7.82 26.15
CA ASP B 140 8.46 7.56 25.82
C ASP B 140 8.64 6.12 25.32
N ALA B 141 8.50 5.91 24.01
CA ALA B 141 8.65 4.64 23.37
C ALA B 141 10.06 4.57 22.83
N MET B 142 10.50 3.38 22.42
CA MET B 142 11.79 3.24 21.76
C MET B 142 11.53 2.32 20.53
N VAL B 143 12.29 2.55 19.45
CA VAL B 143 12.13 1.65 18.35
C VAL B 143 13.06 0.48 18.66
N SER B 144 12.44 -0.68 18.59
CA SER B 144 13.09 -1.91 18.87
C SER B 144 14.01 -2.43 17.77
N SER B 145 15.01 -3.20 18.21
CA SER B 145 15.95 -3.86 17.32
C SER B 145 15.51 -5.20 16.82
N TRP B 146 14.32 -5.70 17.21
CA TRP B 146 13.68 -6.95 16.78
C TRP B 146 12.54 -6.61 15.85
N ASN B 147 12.13 -7.48 14.90
CA ASN B 147 11.06 -7.17 13.96
C ASN B 147 9.92 -8.10 14.10
N ARG B 148 8.79 -7.78 13.53
CA ARG B 148 7.70 -8.66 13.70
C ARG B 148 7.54 -9.66 12.63
N ALA B 149 6.89 -10.75 12.98
CA ALA B 149 6.65 -11.85 12.09
C ALA B 149 6.43 -11.37 10.65
N ALA B 150 7.02 -12.08 9.68
CA ALA B 150 6.84 -11.68 8.30
C ALA B 150 5.57 -12.25 7.82
N PRO B 151 5.13 -11.81 6.64
CA PRO B 151 3.88 -12.35 6.18
C PRO B 151 3.45 -13.76 6.07
N ASN B 152 4.07 -14.67 5.42
CA ASN B 152 3.16 -15.87 5.44
C ASN B 152 3.85 -16.86 6.22
N THR B 153 4.26 -16.43 7.42
CA THR B 153 4.99 -17.32 8.27
C THR B 153 4.15 -17.79 9.44
N ILE B 154 3.84 -16.91 10.37
CA ILE B 154 3.01 -17.27 11.54
C ILE B 154 1.89 -16.27 11.43
N PRO B 155 0.68 -16.68 11.05
CA PRO B 155 -0.49 -15.79 10.88
C PRO B 155 -0.56 -14.71 12.01
N THR B 156 -0.47 -13.42 11.67
CA THR B 156 -0.52 -12.37 12.67
C THR B 156 -1.96 -11.91 12.93
N ALA B 157 -2.91 -12.21 12.06
CA ALA B 157 -4.27 -11.84 12.34
C ALA B 157 -4.81 -12.76 13.44
N ALA B 158 -3.96 -13.57 14.05
CA ALA B 158 -4.45 -14.47 15.10
C ALA B 158 -3.75 -14.25 16.41
N LYS B 159 -4.51 -14.23 17.49
CA LYS B 159 -3.92 -14.00 18.78
C LYS B 159 -3.58 -15.33 19.35
N ALA B 160 -2.57 -15.99 18.81
CA ALA B 160 -2.19 -17.29 19.30
C ALA B 160 -1.20 -16.98 20.36
N GLY B 161 -0.94 -17.91 21.26
CA GLY B 161 -0.06 -17.57 22.31
C GLY B 161 1.36 -17.77 21.93
N GLY B 162 1.63 -18.54 20.87
CA GLY B 162 3.04 -18.79 20.52
C GLY B 162 3.73 -17.52 20.10
N ASN B 163 2.90 -16.61 19.58
CA ASN B 163 3.25 -15.26 19.13
C ASN B 163 3.93 -14.44 20.18
N TYR B 164 3.46 -14.50 21.40
CA TYR B 164 4.05 -13.60 22.36
C TYR B 164 5.45 -13.70 22.68
N LEU B 165 6.19 -14.50 21.91
CA LEU B 165 7.63 -14.51 22.14
C LEU B 165 8.14 -13.20 21.47
N SER B 166 7.49 -12.80 20.37
CA SER B 166 7.85 -11.54 19.72
C SER B 166 7.57 -10.41 20.69
N SER B 167 6.35 -10.30 21.20
CA SER B 167 6.04 -9.28 22.21
C SER B 167 6.98 -9.35 23.39
N LEU B 168 7.29 -10.57 23.83
CA LEU B 168 8.23 -10.65 24.90
C LEU B 168 9.52 -9.99 24.53
N LEU B 169 10.08 -10.19 23.32
CA LEU B 169 11.42 -9.59 23.00
C LEU B 169 11.46 -8.05 22.76
N VAL B 170 10.43 -7.54 22.11
CA VAL B 170 10.34 -6.15 21.83
C VAL B 170 10.15 -5.41 23.18
N GLY B 171 9.11 -5.75 23.95
CA GLY B 171 8.87 -5.12 25.23
C GLY B 171 9.99 -5.14 26.25
N SER B 172 10.71 -6.23 26.41
CA SER B 172 11.76 -6.22 27.42
C SER B 172 12.92 -5.45 26.98
N GLU B 173 13.04 -5.21 25.68
CA GLU B 173 14.21 -4.48 25.20
C GLU B 173 14.10 -3.06 25.67
N ALA B 174 12.87 -2.57 25.55
CA ALA B 174 12.45 -1.24 25.90
C ALA B 174 12.65 -1.05 27.35
N ARG B 175 11.89 -1.80 28.15
CA ARG B 175 12.01 -1.73 29.61
C ARG B 175 13.44 -1.71 30.09
N ARG B 176 14.27 -2.57 29.55
CA ARG B 176 15.68 -2.70 29.94
C ARG B 176 16.50 -1.45 29.70
N HIS B 177 16.03 -0.69 28.73
CA HIS B 177 16.75 0.49 28.35
C HIS B 177 16.20 1.72 28.91
N GLY B 178 15.12 1.64 29.67
CA GLY B 178 14.57 2.83 30.28
C GLY B 178 13.25 3.19 29.70
N TYR B 179 12.89 2.69 28.54
CA TYR B 179 11.63 3.14 27.99
C TYR B 179 10.46 2.46 28.59
N GLN B 180 9.28 2.61 28.06
CA GLN B 180 8.12 2.03 28.65
C GLN B 180 7.30 1.33 27.60
N GLU B 181 7.73 1.44 26.33
CA GLU B 181 7.05 0.72 25.28
C GLU B 181 8.03 0.55 24.13
N GLY B 182 7.99 -0.58 23.43
CA GLY B 182 8.91 -0.75 22.34
C GLY B 182 8.03 -0.75 21.15
N ILE B 183 8.36 0.07 20.15
CA ILE B 183 7.59 0.05 18.92
C ILE B 183 8.45 -0.84 17.97
N ALA B 184 7.79 -1.71 17.23
CA ALA B 184 8.45 -2.60 16.31
C ALA B 184 8.18 -2.32 14.83
N LEU B 185 9.21 -2.60 14.05
CA LEU B 185 9.11 -2.42 12.61
C LEU B 185 8.78 -3.78 11.97
N ASP B 186 8.27 -3.82 10.73
CA ASP B 186 8.07 -5.13 10.14
C ASP B 186 9.35 -5.54 9.47
N VAL B 187 9.32 -6.61 8.66
CA VAL B 187 10.56 -7.07 8.00
C VAL B 187 11.00 -6.19 6.90
N ASN B 188 10.04 -5.40 6.40
CA ASN B 188 10.22 -4.40 5.34
C ASN B 188 10.88 -3.15 5.87
N GLY B 189 10.79 -2.91 7.19
CA GLY B 189 11.37 -1.72 7.78
C GLY B 189 10.31 -0.64 8.01
N TYR B 190 9.06 -0.88 7.71
CA TYR B 190 8.01 0.08 7.97
C TYR B 190 7.61 -0.22 9.38
N ILE B 191 6.78 0.63 9.98
CA ILE B 191 6.28 0.46 11.35
C ILE B 191 5.16 -0.55 11.37
N SER B 192 5.18 -1.36 12.45
CA SER B 192 4.17 -2.42 12.68
C SER B 192 3.21 -2.06 13.80
N GLU B 193 3.71 -2.03 15.01
CA GLU B 193 2.88 -1.72 16.16
C GLU B 193 3.81 -1.83 17.34
N GLY B 194 3.34 -1.60 18.55
CA GLY B 194 4.25 -1.72 19.70
C GLY B 194 4.18 -3.15 20.21
N ALA B 195 5.00 -3.48 21.18
CA ALA B 195 5.02 -4.85 21.77
C ALA B 195 3.66 -5.54 21.88
N GLY B 196 2.69 -4.85 22.45
CA GLY B 196 1.38 -5.45 22.57
C GLY B 196 0.23 -4.64 22.11
N GLU B 197 0.47 -3.52 21.44
CA GLU B 197 -0.65 -2.63 21.01
C GLU B 197 -0.52 -1.88 19.69
N ASN B 198 -1.66 -1.55 19.05
CA ASN B 198 -1.61 -0.82 17.81
C ASN B 198 -1.09 0.64 17.96
N LEU B 199 -0.59 1.25 16.88
CA LEU B 199 0.03 2.58 16.92
C LEU B 199 -0.61 3.51 15.89
N PHE B 200 -1.04 4.69 16.35
CA PHE B 200 -1.70 5.70 15.51
C PHE B 200 -0.79 6.91 15.55
N GLU B 201 -0.80 7.67 14.46
CA GLU B 201 0.01 8.88 14.38
C GLU B 201 -0.89 10.02 14.00
N VAL B 202 -0.58 11.27 14.31
CA VAL B 202 -1.46 12.37 13.84
C VAL B 202 -0.63 13.42 13.12
N LYS B 203 -1.10 13.85 11.95
CA LYS B 203 -0.31 14.81 11.19
C LYS B 203 -0.96 16.14 10.95
N ASP B 204 -1.90 16.25 10.05
CA ASP B 204 -2.33 17.63 10.02
C ASP B 204 -3.73 17.43 10.29
N GLY B 205 -3.93 17.10 11.57
CA GLY B 205 -5.24 16.77 12.09
C GLY B 205 -5.79 15.54 11.38
N VAL B 206 -4.88 14.76 10.77
CA VAL B 206 -5.32 13.55 10.11
C VAL B 206 -4.85 12.32 10.86
N LEU B 207 -5.72 11.30 10.93
CA LEU B 207 -5.38 10.09 11.68
C LEU B 207 -4.28 9.07 11.33
N PHE B 208 -4.36 8.12 10.42
CA PHE B 208 -3.11 7.25 10.30
C PHE B 208 -2.71 6.12 11.25
N THR B 209 -2.79 4.91 10.72
CA THR B 209 -2.32 3.68 11.39
C THR B 209 -1.96 2.65 10.29
N PRO B 210 -1.00 1.73 10.60
CA PRO B 210 -0.50 0.66 9.75
C PRO B 210 -1.60 -0.32 9.39
N PRO B 211 -1.60 -0.88 8.17
CA PRO B 211 -2.69 -1.84 7.94
C PRO B 211 -2.23 -3.21 8.50
N PHE B 212 -3.02 -4.24 8.34
CA PHE B 212 -2.61 -5.55 8.90
C PHE B 212 -1.40 -6.13 8.22
N THR B 213 -1.30 -5.87 6.93
CA THR B 213 -0.23 -6.40 6.15
C THR B 213 1.06 -5.85 6.65
N SER B 214 1.02 -4.94 7.62
CA SER B 214 2.24 -4.42 8.20
C SER B 214 2.52 -5.22 9.44
N SER B 215 1.83 -6.37 9.51
CA SER B 215 1.98 -7.29 10.59
C SER B 215 1.51 -6.79 11.93
N ALA B 216 0.30 -6.21 11.83
CA ALA B 216 -0.45 -5.57 12.88
C ALA B 216 -1.67 -6.40 13.20
N LEU B 217 -1.91 -6.68 14.47
CA LEU B 217 -3.07 -7.44 14.80
C LEU B 217 -4.28 -6.53 14.60
N PRO B 218 -5.37 -7.10 14.03
CA PRO B 218 -6.61 -6.34 13.79
C PRO B 218 -7.22 -6.05 15.17
N GLY B 219 -6.65 -5.10 15.90
CA GLY B 219 -7.09 -4.78 17.25
C GLY B 219 -8.55 -4.44 17.40
N ILE B 220 -9.15 -4.76 18.55
CA ILE B 220 -10.56 -4.38 18.69
C ILE B 220 -10.70 -2.88 19.21
N THR B 221 -9.69 -2.40 19.98
CA THR B 221 -9.65 -1.01 20.44
C THR B 221 -9.37 -0.17 19.16
N ARG B 222 -8.25 -0.50 18.46
CA ARG B 222 -7.89 0.15 17.18
C ARG B 222 -9.13 0.37 16.34
N ASP B 223 -9.94 -0.63 16.21
CA ASP B 223 -11.14 -0.47 15.43
C ASP B 223 -12.10 0.49 16.09
N ALA B 224 -12.36 0.30 17.39
CA ALA B 224 -13.26 1.23 18.13
C ALA B 224 -12.76 2.64 17.77
N ILE B 225 -11.51 2.93 18.07
CA ILE B 225 -10.96 4.23 17.77
C ILE B 225 -11.21 4.73 16.36
N ILE B 226 -10.96 3.92 15.35
CA ILE B 226 -11.22 4.37 13.97
C ILE B 226 -12.68 4.75 13.93
N LYS B 227 -13.57 3.88 14.38
CA LYS B 227 -15.00 4.25 14.35
C LYS B 227 -15.37 5.60 15.06
N LEU B 228 -14.73 5.88 16.18
CA LEU B 228 -15.02 7.07 16.95
C LEU B 228 -14.60 8.23 16.12
N ALA B 229 -13.30 8.29 15.86
CA ALA B 229 -12.76 9.33 15.01
C ALA B 229 -13.64 9.58 13.81
N LYS B 230 -14.23 8.57 13.23
CA LYS B 230 -15.02 8.91 12.09
C LYS B 230 -16.20 9.75 12.61
N GLU B 231 -16.78 9.39 13.75
CA GLU B 231 -17.88 10.19 14.31
C GLU B 231 -17.35 11.60 14.62
N LEU B 232 -16.17 11.75 15.20
CA LEU B 232 -15.69 13.06 15.53
C LEU B 232 -15.41 13.86 14.30
N GLY B 233 -15.58 13.23 13.14
CA GLY B 233 -15.25 13.87 11.90
C GLY B 233 -13.75 13.99 11.54
N ILE B 234 -12.90 13.09 12.04
CA ILE B 234 -11.47 13.12 11.72
C ILE B 234 -11.28 12.23 10.45
N GLU B 235 -10.30 12.49 9.61
CA GLU B 235 -10.19 11.60 8.44
C GLU B 235 -9.21 10.51 8.83
N VAL B 236 -9.43 9.31 8.31
CA VAL B 236 -8.48 8.28 8.68
C VAL B 236 -7.76 7.70 7.51
N ARG B 237 -6.49 7.42 7.73
CA ARG B 237 -5.74 6.78 6.71
C ARG B 237 -5.01 5.59 7.21
N GLU B 238 -5.45 4.41 6.75
CA GLU B 238 -4.73 3.15 7.09
C GLU B 238 -3.61 3.06 5.97
N GLN B 239 -2.38 3.35 6.28
CA GLN B 239 -1.52 3.28 5.19
C GLN B 239 -0.17 2.89 5.74
N VAL B 240 0.72 2.34 4.94
CA VAL B 240 1.98 1.90 5.47
C VAL B 240 2.72 3.10 6.00
N LEU B 241 3.50 2.97 7.08
CA LEU B 241 4.23 4.11 7.69
C LEU B 241 5.75 3.90 7.88
N SER B 242 6.55 4.95 7.77
CA SER B 242 7.94 4.79 7.89
C SER B 242 8.43 5.10 9.23
N ARG B 243 9.58 4.57 9.55
CA ARG B 243 10.11 4.79 10.84
C ARG B 243 10.17 6.27 11.18
N GLU B 244 10.87 7.05 10.36
CA GLU B 244 11.02 8.49 10.58
C GLU B 244 9.72 9.17 10.70
N SER B 245 8.61 8.65 10.21
CA SER B 245 7.40 9.45 10.41
C SER B 245 7.12 9.62 11.88
N LEU B 246 7.75 8.78 12.69
CA LEU B 246 7.50 8.86 14.10
C LEU B 246 8.06 10.15 14.64
N TYR B 247 9.18 10.61 14.12
CA TYR B 247 9.74 11.83 14.67
C TYR B 247 9.17 13.05 14.00
N LEU B 248 8.16 12.93 13.16
CA LEU B 248 7.70 14.13 12.50
C LEU B 248 6.22 14.32 12.71
N ALA B 249 5.53 13.33 13.25
CA ALA B 249 4.09 13.49 13.47
C ALA B 249 3.84 14.49 14.59
N ASP B 250 2.60 14.93 14.72
CA ASP B 250 2.33 15.86 15.80
C ASP B 250 1.97 15.10 17.08
N GLU B 251 1.26 14.01 16.91
CA GLU B 251 0.87 13.17 18.02
C GLU B 251 1.01 11.70 17.62
N VAL B 252 1.43 10.88 18.58
CA VAL B 252 1.48 9.46 18.41
C VAL B 252 0.93 8.83 19.65
N PHE B 253 0.10 7.82 19.43
CA PHE B 253 -0.53 7.07 20.52
C PHE B 253 -0.83 5.56 20.22
N MET B 254 -0.75 4.71 21.27
CA MET B 254 -1.03 3.27 21.21
C MET B 254 -2.42 2.96 21.76
N SER B 255 -2.89 1.77 21.43
CA SER B 255 -4.14 1.35 21.94
C SER B 255 -4.17 -0.13 22.13
N GLY B 256 -4.96 -0.61 23.06
CA GLY B 256 -5.08 -2.01 23.31
C GLY B 256 -6.07 -2.16 24.41
N THR B 257 -6.68 -3.32 24.55
CA THR B 257 -7.62 -3.58 25.63
C THR B 257 -7.17 -3.17 27.03
N ALA B 258 -5.95 -3.45 27.43
CA ALA B 258 -5.48 -3.05 28.74
C ALA B 258 -4.85 -1.62 28.84
N ALA B 259 -4.56 -0.97 27.71
CA ALA B 259 -3.95 0.36 27.74
C ALA B 259 -4.92 1.40 27.19
N GLU B 260 -6.10 0.96 26.81
CA GLU B 260 -7.02 1.90 26.26
C GLU B 260 -6.24 2.76 25.24
N ILE B 261 -6.02 4.04 25.52
CA ILE B 261 -5.37 4.92 24.58
C ILE B 261 -4.20 5.62 25.19
N THR B 262 -3.01 5.07 25.13
CA THR B 262 -1.87 5.70 25.76
C THR B 262 -1.19 6.68 24.82
N PRO B 263 -0.77 7.88 25.26
CA PRO B 263 -0.10 8.92 24.48
C PRO B 263 1.36 8.70 24.61
N VAL B 264 2.09 8.87 23.50
CA VAL B 264 3.53 8.71 23.55
C VAL B 264 3.98 10.13 23.33
N ARG B 265 5.04 10.50 24.05
CA ARG B 265 5.57 11.83 23.97
C ARG B 265 7.00 11.98 23.49
N SER B 266 7.77 10.91 23.44
CA SER B 266 9.10 11.00 22.93
C SER B 266 9.27 9.62 22.37
N VAL B 267 9.97 9.52 21.26
CA VAL B 267 10.21 8.25 20.64
C VAL B 267 11.70 8.31 20.46
N ASP B 268 12.41 7.30 20.90
CA ASP B 268 13.85 7.35 20.80
C ASP B 268 14.42 8.62 21.40
N GLY B 269 13.71 9.27 22.31
CA GLY B 269 14.28 10.43 22.95
C GLY B 269 14.19 11.69 22.14
N ILE B 270 13.18 11.73 21.29
CA ILE B 270 12.93 12.83 20.39
C ILE B 270 11.48 13.10 20.68
N GLN B 271 11.19 14.35 21.05
CA GLN B 271 9.86 14.75 21.45
C GLN B 271 8.85 14.71 20.38
N VAL B 272 7.68 14.21 20.69
CA VAL B 272 6.67 14.16 19.67
C VAL B 272 5.98 15.47 19.82
N GLY B 273 6.37 16.41 18.97
CA GLY B 273 5.83 17.78 18.99
C GLY B 273 5.35 18.39 20.32
N GLU B 274 6.25 18.71 21.25
CA GLU B 274 5.86 19.31 22.55
C GLU B 274 5.40 18.38 23.65
N GLY B 275 6.37 17.66 24.23
CA GLY B 275 6.28 16.70 25.35
C GLY B 275 4.93 16.37 25.89
N ARG B 276 4.11 16.12 24.91
CA ARG B 276 2.71 15.86 25.05
C ARG B 276 1.97 17.06 25.49
N CYS B 277 0.83 17.09 24.80
CA CYS B 277 -0.22 18.09 24.85
C CYS B 277 -1.43 17.40 24.11
N GLY B 278 -1.14 16.37 23.25
CA GLY B 278 -2.11 15.65 22.44
C GLY B 278 -3.51 16.16 22.05
N PRO B 279 -3.67 17.20 21.23
CA PRO B 279 -5.06 17.60 20.92
C PRO B 279 -5.99 16.54 20.32
N VAL B 280 -5.60 15.86 19.22
CA VAL B 280 -6.49 14.88 18.67
C VAL B 280 -6.53 13.68 19.59
N THR B 281 -5.42 13.40 20.24
CA THR B 281 -5.34 12.26 21.14
C THR B 281 -6.46 12.45 22.17
N LYS B 282 -6.51 13.65 22.78
CA LYS B 282 -7.52 14.06 23.78
C LYS B 282 -8.93 14.06 23.23
N ARG B 283 -9.20 14.53 22.04
CA ARG B 283 -10.56 14.44 21.63
C ARG B 283 -10.97 13.02 21.64
N ILE B 284 -10.07 12.10 21.28
CA ILE B 284 -10.36 10.63 21.19
C ILE B 284 -10.61 9.97 22.53
N GLN B 285 -9.69 10.15 23.46
CA GLN B 285 -9.86 9.59 24.75
C GLN B 285 -11.22 10.00 25.25
N GLN B 286 -11.55 11.29 25.15
CA GLN B 286 -12.82 11.76 25.65
C GLN B 286 -13.93 11.03 25.04
N ALA B 287 -13.91 10.92 23.74
CA ALA B 287 -15.02 10.23 23.12
C ALA B 287 -14.99 8.80 23.57
N PHE B 288 -13.81 8.24 23.79
CA PHE B 288 -13.73 6.86 24.22
C PHE B 288 -14.46 6.68 25.53
N PHE B 289 -13.90 7.29 26.56
CA PHE B 289 -14.46 7.21 27.85
C PHE B 289 -15.86 7.69 28.00
N GLY B 290 -16.29 8.61 27.17
CA GLY B 290 -17.67 9.03 27.31
C GLY B 290 -18.66 7.95 27.00
N LEU B 291 -18.20 6.79 26.54
CA LEU B 291 -19.17 5.74 26.23
C LEU B 291 -19.57 5.15 27.56
N PHE B 292 -18.67 5.19 28.54
CA PHE B 292 -18.90 4.61 29.85
C PHE B 292 -19.70 5.52 30.82
N THR B 293 -19.46 6.80 30.60
CA THR B 293 -20.10 7.90 31.30
C THR B 293 -21.50 8.16 30.72
N GLY B 294 -21.74 7.89 29.46
CA GLY B 294 -23.08 8.14 28.92
C GLY B 294 -23.08 9.29 27.93
N GLU B 295 -22.00 10.09 27.97
CA GLU B 295 -21.79 11.25 27.09
C GLU B 295 -21.70 10.86 25.62
N THR B 296 -20.96 9.80 25.33
CA THR B 296 -20.81 9.40 23.95
C THR B 296 -21.91 8.44 23.67
N GLU B 297 -22.70 8.68 22.62
CA GLU B 297 -23.77 7.72 22.33
C GLU B 297 -23.19 6.38 21.83
N ASP B 298 -23.61 5.30 22.44
CA ASP B 298 -23.14 3.97 22.05
C ASP B 298 -23.93 3.58 20.80
N LYS B 299 -23.74 4.32 19.74
CA LYS B 299 -24.52 4.05 18.53
C LYS B 299 -24.38 2.64 17.96
N TRP B 300 -23.24 2.00 18.24
CA TRP B 300 -22.91 0.67 17.70
C TRP B 300 -23.40 -0.51 18.51
N GLY B 301 -23.58 -0.32 19.81
CA GLY B 301 -24.02 -1.40 20.68
C GLY B 301 -22.81 -2.04 21.34
N TRP B 302 -21.77 -1.29 21.63
CA TRP B 302 -20.57 -1.89 22.20
C TRP B 302 -20.55 -2.25 23.66
N LEU B 303 -21.62 -2.04 24.43
CA LEU B 303 -21.56 -2.33 25.88
C LEU B 303 -22.58 -3.36 26.26
N ASP B 304 -22.13 -4.50 26.82
CA ASP B 304 -22.94 -5.66 27.23
C ASP B 304 -22.92 -5.69 28.76
N GLN B 305 -24.07 -5.61 29.41
CA GLN B 305 -24.11 -5.61 30.87
C GLN B 305 -24.11 -7.02 31.37
N VAL B 306 -23.26 -7.25 32.34
CA VAL B 306 -23.14 -8.54 32.95
C VAL B 306 -24.51 -9.03 33.36
N ASN B 307 -25.27 -8.14 34.01
CA ASN B 307 -26.62 -8.44 34.49
C ASN B 307 -27.79 -8.28 33.56
N GLN B 308 -27.98 -9.36 32.81
CA GLN B 308 -29.10 -9.47 31.88
C GLN B 308 -29.66 -10.90 32.06
N LYS C 4 26.59 33.19 -9.05
CA LYS C 4 27.37 33.69 -7.89
C LYS C 4 26.70 35.02 -7.50
N ALA C 5 27.14 35.66 -6.41
CA ALA C 5 26.62 36.96 -5.97
C ALA C 5 27.74 37.39 -4.99
N ASP C 6 27.52 38.40 -4.17
CA ASP C 6 28.57 38.76 -3.16
C ASP C 6 27.71 38.71 -1.97
N TYR C 7 28.23 38.27 -0.83
CA TYR C 7 27.37 38.15 0.37
C TYR C 7 26.62 36.88 0.49
N ILE C 8 27.09 36.20 1.50
CA ILE C 8 26.56 34.95 1.89
C ILE C 8 26.30 35.17 3.39
N TRP C 9 25.07 34.90 3.83
CA TRP C 9 24.78 35.00 5.23
C TRP C 9 25.49 33.79 5.92
N PHE C 10 26.38 34.04 6.84
CA PHE C 10 27.11 32.99 7.47
C PHE C 10 26.98 33.17 8.95
N ASN C 11 26.34 32.25 9.66
CA ASN C 11 26.19 32.36 11.12
C ASN C 11 25.77 33.73 11.58
N GLY C 12 24.87 34.35 10.85
CA GLY C 12 24.43 35.62 11.33
C GLY C 12 24.89 36.85 10.61
N GLU C 13 26.14 36.90 10.19
CA GLU C 13 26.66 38.09 9.51
C GLU C 13 26.57 37.89 8.05
N MET C 14 26.64 38.97 7.28
CA MET C 14 26.67 38.76 5.85
C MET C 14 28.14 38.89 5.52
N VAL C 15 28.61 37.99 4.69
CA VAL C 15 29.99 38.00 4.39
C VAL C 15 30.15 38.10 2.88
N ARG C 16 31.26 38.70 2.46
CA ARG C 16 31.57 38.83 1.07
C ARG C 16 31.70 37.38 0.56
N TRP C 17 31.01 37.05 -0.48
CA TRP C 17 31.09 35.68 -0.99
C TRP C 17 32.49 35.02 -1.07
N GLU C 18 33.49 35.74 -1.44
CA GLU C 18 34.78 35.11 -1.58
C GLU C 18 35.35 34.75 -0.28
N ASP C 19 34.78 35.30 0.78
CA ASP C 19 35.35 35.06 2.07
C ASP C 19 34.65 33.99 2.87
N ALA C 20 33.60 33.39 2.33
CA ALA C 20 32.81 32.37 3.06
C ALA C 20 33.51 31.05 2.98
N LYS C 21 34.58 30.92 3.71
CA LYS C 21 35.37 29.74 3.71
C LYS C 21 35.18 28.90 5.00
N VAL C 22 35.50 27.62 4.89
CA VAL C 22 35.28 26.67 5.93
C VAL C 22 36.59 25.91 5.99
N HIS C 23 37.03 25.48 7.16
CA HIS C 23 38.28 24.73 7.23
C HIS C 23 38.13 23.42 6.52
N VAL C 24 39.26 22.88 6.13
CA VAL C 24 39.23 21.63 5.42
C VAL C 24 38.83 20.42 6.27
N MET C 25 39.08 20.45 7.60
CA MET C 25 38.71 19.34 8.50
C MET C 25 37.31 19.49 9.04
N SER C 26 36.42 20.13 8.33
CA SER C 26 35.09 20.26 8.86
C SER C 26 34.45 18.94 8.68
N HIS C 27 33.67 18.57 9.67
CA HIS C 27 32.98 17.32 9.69
C HIS C 27 32.21 17.10 8.37
N ALA C 28 31.28 17.96 7.96
CA ALA C 28 30.50 17.67 6.75
C ALA C 28 31.22 17.23 5.50
N LEU C 29 32.50 17.62 5.35
CA LEU C 29 33.30 17.25 4.17
C LEU C 29 33.68 15.79 4.15
N HIS C 30 34.10 15.30 5.31
CA HIS C 30 34.48 13.93 5.49
C HIS C 30 33.32 13.00 5.65
N TYR C 31 32.41 13.32 6.57
CA TYR C 31 31.31 12.43 6.84
C TYR C 31 29.99 12.76 6.34
N GLY C 32 29.87 13.65 5.37
CA GLY C 32 28.55 13.99 4.84
C GLY C 32 27.49 14.45 5.77
N THR C 33 27.86 14.95 6.91
CA THR C 33 26.85 15.43 7.88
C THR C 33 26.38 16.90 7.69
N SER C 34 25.36 17.12 6.89
CA SER C 34 24.95 18.46 6.73
C SER C 34 23.57 18.32 6.21
N VAL C 35 22.80 19.36 6.29
CA VAL C 35 21.43 19.20 5.86
C VAL C 35 21.16 20.43 5.07
N PHE C 36 20.25 20.38 4.12
CA PHE C 36 20.18 21.56 3.28
C PHE C 36 18.87 21.67 2.64
N GLU C 37 18.58 22.81 2.00
CA GLU C 37 17.31 22.99 1.31
C GLU C 37 17.38 23.81 -0.01
N GLY C 38 16.33 23.79 -0.80
CA GLY C 38 16.40 24.57 -2.03
C GLY C 38 15.13 25.40 -2.04
N ILE C 39 15.25 26.72 -2.15
CA ILE C 39 14.02 27.56 -2.15
C ILE C 39 14.03 28.48 -3.33
N ARG C 40 12.90 28.62 -4.02
CA ARG C 40 12.84 29.54 -5.16
C ARG C 40 12.20 30.88 -4.86
N CYS C 41 12.80 31.95 -5.39
CA CYS C 41 12.23 33.28 -5.28
C CYS C 41 11.75 33.62 -6.65
N TYR C 42 10.47 33.86 -6.76
CA TYR C 42 9.90 34.22 -8.02
C TYR C 42 9.49 35.69 -7.98
N ASP C 43 9.45 36.29 -9.16
CA ASP C 43 9.06 37.67 -9.34
C ASP C 43 7.63 37.47 -9.68
N SER C 44 6.65 38.07 -9.04
CA SER C 44 5.29 37.73 -9.46
C SER C 44 4.50 38.98 -9.72
N HIS C 45 3.19 38.88 -9.62
CA HIS C 45 2.37 40.06 -9.80
C HIS C 45 2.47 40.76 -8.49
N LYS C 46 3.64 40.93 -7.94
CA LYS C 46 3.79 41.57 -6.67
C LYS C 46 4.99 41.14 -6.05
N GLY C 47 5.52 40.02 -6.58
CA GLY C 47 6.74 39.35 -6.08
C GLY C 47 7.74 40.45 -6.18
N PRO C 48 9.01 40.23 -5.86
CA PRO C 48 9.68 39.04 -5.39
C PRO C 48 8.87 38.32 -4.35
N VAL C 49 8.76 37.04 -4.54
CA VAL C 49 7.95 36.30 -3.63
C VAL C 49 8.65 34.91 -3.42
N VAL C 50 9.06 34.62 -2.17
CA VAL C 50 9.73 33.36 -1.83
C VAL C 50 8.66 32.33 -1.81
N PHE C 51 8.79 31.25 -2.56
CA PHE C 51 7.71 30.28 -2.60
C PHE C 51 7.81 29.28 -1.49
N ARG C 52 6.70 29.05 -0.81
CA ARG C 52 6.58 28.13 0.32
C ARG C 52 7.79 28.21 1.19
N HIS C 53 8.05 29.41 1.60
CA HIS C 53 9.14 29.69 2.44
C HIS C 53 9.12 29.04 3.79
N ARG C 54 7.96 29.02 4.43
CA ARG C 54 7.92 28.46 5.78
C ARG C 54 8.07 26.97 5.79
N GLU C 55 7.38 26.31 4.85
CA GLU C 55 7.44 24.88 4.71
C GLU C 55 8.86 24.51 4.43
N HIS C 56 9.56 25.25 3.60
CA HIS C 56 10.94 24.90 3.39
C HIS C 56 11.76 25.09 4.62
N MET C 57 11.46 26.05 5.46
CA MET C 57 12.38 26.24 6.60
C MET C 57 12.11 25.28 7.73
N GLN C 58 10.85 24.91 7.82
CA GLN C 58 10.39 23.91 8.78
C GLN C 58 11.13 22.65 8.32
N ARG C 59 11.00 22.27 7.06
CA ARG C 59 11.73 21.10 6.64
C ARG C 59 13.20 21.26 6.95
N LEU C 60 13.84 22.42 6.83
CA LEU C 60 15.27 22.44 7.21
C LEU C 60 15.32 21.91 8.64
N HIS C 61 14.43 22.37 9.51
CA HIS C 61 14.42 21.95 10.90
C HIS C 61 14.12 20.44 11.06
N ASP C 62 13.12 19.86 10.35
CA ASP C 62 12.86 18.43 10.43
C ASP C 62 14.08 17.53 10.10
N SER C 63 14.76 17.91 9.05
CA SER C 63 15.91 17.17 8.65
C SER C 63 16.93 17.20 9.70
N ALA C 64 17.10 18.26 10.47
CA ALA C 64 18.19 18.16 11.46
C ALA C 64 17.75 17.47 12.71
N LYS C 65 16.47 17.56 12.97
CA LYS C 65 15.89 16.98 14.12
C LYS C 65 16.24 15.56 13.93
N ILE C 66 15.90 15.00 12.77
CA ILE C 66 16.22 13.58 12.56
C ILE C 66 17.61 13.14 12.82
N TYR C 67 18.63 13.96 12.65
CA TYR C 67 19.96 13.45 12.94
C TYR C 67 20.54 14.06 14.18
N ARG C 68 19.65 14.72 14.90
CA ARG C 68 20.04 15.39 16.13
C ARG C 68 21.18 16.42 15.98
N PHE C 69 21.09 17.21 14.92
CA PHE C 69 22.11 18.23 14.73
C PHE C 69 21.43 19.36 15.42
N PRO C 70 22.15 20.08 16.29
CA PRO C 70 21.65 21.23 17.05
C PRO C 70 21.56 22.57 16.24
N VAL C 71 20.36 23.10 16.02
CA VAL C 71 20.17 24.34 15.29
C VAL C 71 19.84 25.54 16.24
N SER C 72 20.75 26.51 16.34
CA SER C 72 20.49 27.70 17.16
C SER C 72 19.31 28.53 16.67
N GLN C 73 19.16 28.77 15.38
CA GLN C 73 18.12 29.66 14.89
C GLN C 73 16.73 29.15 14.81
N SER C 74 15.78 30.01 15.11
CA SER C 74 14.38 29.65 15.05
C SER C 74 14.07 29.69 13.61
N ILE C 75 12.82 29.41 13.31
CA ILE C 75 12.36 29.40 11.98
C ILE C 75 12.26 30.79 11.43
N ASP C 76 11.73 31.73 12.22
CA ASP C 76 11.66 33.16 11.82
C ASP C 76 13.09 33.75 11.70
N GLU C 77 14.04 33.44 12.58
CA GLU C 77 15.34 34.01 12.33
C GLU C 77 15.75 33.61 10.90
N LEU C 78 15.66 32.32 10.57
CA LEU C 78 16.04 31.83 9.27
C LEU C 78 15.28 32.55 8.14
N MET C 79 13.98 32.70 8.25
CA MET C 79 13.28 33.39 7.19
C MET C 79 13.76 34.84 6.94
N GLU C 80 13.93 35.63 8.00
CA GLU C 80 14.38 37.01 7.88
C GLU C 80 15.70 36.97 7.21
N ALA C 81 16.54 36.05 7.65
CA ALA C 81 17.85 36.01 7.06
C ALA C 81 17.78 35.64 5.58
N CYS C 82 16.76 34.90 5.16
CA CYS C 82 16.72 34.56 3.77
C CYS C 82 16.26 35.83 3.01
N ARG C 83 15.28 36.52 3.54
CA ARG C 83 14.89 37.75 2.91
C ARG C 83 16.08 38.76 2.92
N ASP C 84 16.83 38.87 4.02
CA ASP C 84 17.95 39.79 4.02
C ASP C 84 18.89 39.44 2.93
N VAL C 85 19.09 38.14 2.72
CA VAL C 85 20.05 37.71 1.72
C VAL C 85 19.59 38.09 0.30
N ILE C 86 18.31 38.01 0.06
CA ILE C 86 17.86 38.33 -1.24
C ILE C 86 18.12 39.79 -1.49
N ARG C 87 17.63 40.63 -0.59
CA ARG C 87 17.80 42.09 -0.68
C ARG C 87 19.24 42.54 -0.79
N LYS C 88 20.05 42.18 0.17
CA LYS C 88 21.38 42.72 0.09
C LYS C 88 22.10 42.44 -1.19
N ASN C 89 21.57 41.53 -2.01
CA ASN C 89 22.19 41.10 -3.28
C ASN C 89 21.39 41.63 -4.45
N ASN C 90 20.36 42.39 -4.08
CA ASN C 90 19.48 43.01 -5.00
C ASN C 90 18.93 41.99 -5.97
N LEU C 91 18.39 40.90 -5.45
CA LEU C 91 17.87 39.84 -6.31
C LEU C 91 16.38 39.89 -6.52
N THR C 92 15.90 39.25 -7.57
CA THR C 92 14.48 39.23 -7.79
C THR C 92 14.18 37.73 -7.97
N SER C 93 14.64 37.14 -9.03
CA SER C 93 14.36 35.75 -9.10
C SER C 93 15.66 35.00 -8.83
N ALA C 94 15.61 34.19 -7.77
CA ALA C 94 16.76 33.46 -7.35
C ALA C 94 16.49 32.05 -6.87
N TYR C 95 17.57 31.38 -6.48
CA TYR C 95 17.55 30.05 -5.95
C TYR C 95 18.23 30.25 -4.62
N ILE C 96 17.61 29.78 -3.56
CA ILE C 96 18.23 29.93 -2.23
C ILE C 96 18.69 28.60 -1.62
N ARG C 97 19.88 28.58 -1.09
CA ARG C 97 20.41 27.40 -0.58
C ARG C 97 20.84 27.53 0.85
N PRO C 98 19.99 27.15 1.85
CA PRO C 98 20.33 27.21 3.27
C PRO C 98 21.05 25.87 3.54
N LEU C 99 22.13 25.81 4.31
CA LEU C 99 22.84 24.59 4.59
C LEU C 99 23.20 24.69 6.04
N ILE C 100 22.82 23.69 6.86
CA ILE C 100 23.23 23.61 8.27
C ILE C 100 24.23 22.46 8.25
N PHE C 101 25.45 22.62 8.76
CA PHE C 101 26.38 21.55 8.71
C PHE C 101 27.32 21.43 9.92
N VAL C 102 27.77 20.21 10.24
CA VAL C 102 28.68 20.09 11.36
C VAL C 102 30.01 20.67 10.95
N GLY C 103 30.45 21.65 11.72
CA GLY C 103 31.67 22.34 11.39
C GLY C 103 32.93 21.64 11.76
N ASP C 104 33.94 22.43 12.17
CA ASP C 104 35.25 21.90 12.57
C ASP C 104 35.28 21.25 13.97
N VAL C 105 34.21 20.56 14.31
CA VAL C 105 34.11 19.80 15.57
C VAL C 105 35.20 18.71 15.34
N GLY C 106 35.60 17.90 16.30
CA GLY C 106 36.66 16.93 15.98
C GLY C 106 36.53 15.94 14.77
N MET C 107 37.46 14.97 14.66
CA MET C 107 37.44 13.98 13.56
C MET C 107 36.68 12.64 13.82
N GLY C 108 35.91 12.53 14.93
CA GLY C 108 35.17 11.31 15.24
C GLY C 108 33.79 11.35 14.61
N VAL C 109 33.20 10.21 14.24
CA VAL C 109 31.91 10.35 13.61
C VAL C 109 30.92 11.04 14.53
N ASN C 110 30.77 10.61 15.80
CA ASN C 110 29.80 11.25 16.74
C ASN C 110 30.40 12.54 17.21
N PRO C 111 29.93 13.67 16.66
CA PRO C 111 30.49 14.96 17.08
C PRO C 111 30.46 15.18 18.61
N PRO C 112 31.54 15.77 19.19
CA PRO C 112 31.69 16.08 20.64
C PRO C 112 30.48 16.87 21.14
N ALA C 113 29.74 16.31 22.11
CA ALA C 113 28.52 16.91 22.68
C ALA C 113 28.70 18.35 23.06
N GLY C 114 27.68 19.16 22.73
CA GLY C 114 27.68 20.61 22.99
C GLY C 114 28.34 21.43 21.87
N TYR C 115 28.51 20.78 20.71
CA TYR C 115 29.10 21.41 19.53
C TYR C 115 27.87 22.09 18.91
N SER C 116 28.11 22.87 17.85
CA SER C 116 27.00 23.48 17.16
C SER C 116 27.24 23.45 15.69
N THR C 117 26.19 23.71 14.97
CA THR C 117 26.26 23.73 13.56
C THR C 117 26.70 25.13 13.12
N ASP C 118 26.79 25.29 11.81
CA ASP C 118 27.10 26.50 11.15
C ASP C 118 26.05 26.47 10.15
N VAL C 119 25.39 27.61 10.00
CA VAL C 119 24.32 27.75 9.04
C VAL C 119 24.93 28.76 8.07
N ILE C 120 24.44 28.78 6.83
CA ILE C 120 24.94 29.63 5.76
C ILE C 120 23.81 29.68 4.82
N ILE C 121 23.40 30.85 4.36
CA ILE C 121 22.30 30.93 3.38
C ILE C 121 22.87 31.65 2.19
N ALA C 122 22.70 31.12 0.99
CA ALA C 122 23.28 31.73 -0.16
C ALA C 122 22.23 31.71 -1.15
N ALA C 123 22.26 32.76 -1.94
CA ALA C 123 21.30 32.92 -3.00
C ALA C 123 22.02 33.30 -4.28
N PHE C 124 21.45 32.90 -5.38
CA PHE C 124 22.02 33.28 -6.62
C PHE C 124 20.84 33.33 -7.53
N PRO C 125 20.98 34.07 -8.62
CA PRO C 125 19.93 34.27 -9.63
C PRO C 125 19.52 33.06 -10.39
N TRP C 126 18.26 33.06 -10.80
CA TRP C 126 17.67 31.95 -11.51
C TRP C 126 16.64 32.26 -12.65
N GLN C 137 9.06 20.03 -25.40
CA GLN C 137 8.26 18.74 -25.23
C GLN C 137 8.63 18.14 -23.85
N GLY C 138 8.46 16.84 -23.69
CA GLY C 138 8.84 16.29 -22.41
C GLY C 138 10.34 16.17 -22.40
N ILE C 139 10.85 15.13 -21.79
CA ILE C 139 12.26 15.00 -21.84
C ILE C 139 12.87 13.66 -22.01
N ASP C 140 12.13 12.58 -22.02
CA ASP C 140 12.96 11.32 -22.20
C ASP C 140 13.72 10.94 -20.94
N ALA C 141 13.09 10.07 -20.19
CA ALA C 141 13.70 9.61 -18.98
C ALA C 141 14.16 8.22 -19.31
N MET C 142 14.88 7.66 -18.36
CA MET C 142 15.39 6.31 -18.42
C MET C 142 15.20 5.65 -17.04
N VAL C 143 14.77 4.38 -17.02
CA VAL C 143 14.72 3.71 -15.72
C VAL C 143 16.17 3.25 -15.39
N SER C 144 16.63 3.61 -14.21
CA SER C 144 17.98 3.36 -13.73
C SER C 144 18.25 2.02 -13.16
N SER C 145 19.53 1.66 -13.18
CA SER C 145 19.95 0.39 -12.70
C SER C 145 20.26 0.41 -11.25
N TRP C 146 20.28 1.61 -10.66
CA TRP C 146 20.53 1.73 -9.23
C TRP C 146 19.17 1.95 -8.55
N ASN C 147 19.12 1.58 -7.28
CA ASN C 147 17.92 1.63 -6.50
C ASN C 147 17.99 2.65 -5.41
N ARG C 148 16.85 3.19 -5.04
CA ARG C 148 16.90 4.13 -3.96
C ARG C 148 16.99 3.45 -2.60
N ALA C 149 17.55 4.14 -1.63
CA ALA C 149 17.71 3.65 -0.27
C ALA C 149 16.54 2.86 0.29
N ALA C 150 16.87 1.82 1.06
CA ALA C 150 15.79 0.99 1.62
C ALA C 150 15.35 1.64 2.92
N PRO C 151 14.12 1.34 3.34
CA PRO C 151 13.48 1.84 4.53
C PRO C 151 14.08 2.14 5.85
N ASN C 152 14.89 1.32 6.44
CA ASN C 152 15.20 1.81 7.76
C ASN C 152 16.61 1.86 7.77
N THR C 153 17.19 2.43 6.72
CA THR C 153 18.66 2.52 6.68
C THR C 153 19.26 3.89 6.88
N ILE C 154 18.93 4.77 5.97
CA ILE C 154 19.45 6.14 5.94
C ILE C 154 18.14 6.83 5.60
N PRO C 155 17.49 7.51 6.59
CA PRO C 155 16.20 8.22 6.47
C PRO C 155 16.08 9.08 5.22
N THR C 156 15.18 8.72 4.33
CA THR C 156 14.95 9.42 3.07
C THR C 156 14.02 10.59 3.16
N ALA C 157 13.33 10.72 4.31
CA ALA C 157 12.47 11.85 4.61
C ALA C 157 13.29 13.07 5.01
N ALA C 158 14.61 12.93 5.18
CA ALA C 158 15.50 14.04 5.54
C ALA C 158 16.23 14.52 4.29
N LYS C 159 16.30 15.82 3.98
CA LYS C 159 17.02 16.21 2.77
C LYS C 159 18.43 16.33 3.23
N ALA C 160 19.14 15.23 3.42
CA ALA C 160 20.49 15.37 3.91
C ALA C 160 21.56 15.22 2.91
N GLY C 161 22.73 15.71 3.31
CA GLY C 161 23.93 15.71 2.53
C GLY C 161 24.14 14.37 1.95
N GLY C 162 24.75 13.48 2.73
CA GLY C 162 25.03 12.10 2.31
C GLY C 162 24.02 11.41 1.40
N ASN C 163 22.74 11.65 1.56
CA ASN C 163 21.85 11.01 0.62
C ASN C 163 22.26 11.29 -0.78
N TYR C 164 22.95 12.36 -0.99
CA TYR C 164 23.21 12.63 -2.35
C TYR C 164 24.04 11.74 -3.18
N LEU C 165 24.79 10.84 -2.57
CA LEU C 165 25.57 9.95 -3.41
C LEU C 165 24.62 9.18 -4.27
N SER C 166 23.46 8.90 -3.73
CA SER C 166 22.49 8.18 -4.52
C SER C 166 21.90 8.97 -5.70
N SER C 167 21.62 10.27 -5.54
CA SER C 167 21.11 11.07 -6.70
C SER C 167 22.20 11.19 -7.77
N LEU C 168 23.45 11.20 -7.37
CA LEU C 168 24.56 11.21 -8.31
C LEU C 168 24.52 9.88 -9.14
N LEU C 169 24.58 8.73 -8.48
CA LEU C 169 24.55 7.44 -9.19
C LEU C 169 23.37 7.37 -10.17
N VAL C 170 22.14 7.61 -9.72
CA VAL C 170 20.99 7.56 -10.67
C VAL C 170 21.04 8.62 -11.75
N GLY C 171 21.63 9.77 -11.41
CA GLY C 171 21.70 10.88 -12.31
C GLY C 171 22.73 10.84 -13.37
N SER C 172 23.97 10.45 -13.09
CA SER C 172 24.96 10.39 -14.15
C SER C 172 24.61 9.31 -15.09
N GLU C 173 24.27 8.13 -14.57
CA GLU C 173 23.89 7.04 -15.46
C GLU C 173 22.97 7.55 -16.56
N ALA C 174 21.92 8.25 -16.24
CA ALA C 174 21.04 8.64 -17.32
C ALA C 174 21.70 9.54 -18.33
N ARG C 175 22.49 10.49 -17.87
CA ARG C 175 23.19 11.45 -18.73
C ARG C 175 24.14 10.67 -19.60
N ARG C 176 24.92 9.80 -18.96
CA ARG C 176 25.88 8.98 -19.64
C ARG C 176 25.31 8.23 -20.82
N HIS C 177 24.01 7.96 -20.88
CA HIS C 177 23.44 7.21 -21.99
C HIS C 177 22.48 8.07 -22.77
N GLY C 178 22.62 9.37 -22.71
CA GLY C 178 21.73 10.19 -23.50
C GLY C 178 20.32 10.46 -23.04
N TYR C 179 20.06 10.46 -21.73
CA TYR C 179 18.71 10.76 -21.31
C TYR C 179 18.75 12.04 -20.53
N GLN C 180 17.60 12.58 -20.19
CA GLN C 180 17.66 13.79 -19.42
C GLN C 180 17.32 13.56 -17.98
N GLU C 181 16.94 12.34 -17.61
CA GLU C 181 16.69 12.04 -16.21
C GLU C 181 16.57 10.54 -16.04
N GLY C 182 17.02 10.01 -14.92
CA GLY C 182 16.92 8.59 -14.61
C GLY C 182 15.90 8.46 -13.50
N ILE C 183 14.92 7.57 -13.64
CA ILE C 183 13.93 7.34 -12.62
C ILE C 183 14.48 6.13 -11.85
N ALA C 184 14.49 6.18 -10.52
CA ALA C 184 14.95 5.08 -9.70
C ALA C 184 13.79 4.26 -9.09
N LEU C 185 14.06 2.99 -8.84
CA LEU C 185 13.09 2.08 -8.25
C LEU C 185 13.47 1.85 -6.83
N ASP C 186 12.55 1.42 -6.00
CA ASP C 186 13.03 1.15 -4.64
C ASP C 186 13.54 -0.28 -4.65
N VAL C 187 14.10 -0.75 -3.54
CA VAL C 187 14.56 -2.11 -3.44
C VAL C 187 13.46 -3.20 -3.71
N ASN C 188 12.21 -2.80 -3.90
CA ASN C 188 11.16 -3.79 -4.12
C ASN C 188 10.83 -3.87 -5.56
N GLY C 189 11.46 -3.00 -6.36
CA GLY C 189 11.15 -2.97 -7.78
C GLY C 189 9.94 -2.12 -8.14
N TYR C 190 9.51 -1.21 -7.27
CA TYR C 190 8.38 -0.33 -7.55
C TYR C 190 8.99 1.04 -7.79
N ILE C 191 8.28 1.91 -8.49
CA ILE C 191 8.81 3.24 -8.79
C ILE C 191 8.99 4.07 -7.53
N SER C 192 10.16 4.73 -7.36
CA SER C 192 10.43 5.59 -6.18
C SER C 192 10.23 7.03 -6.61
N GLU C 193 11.22 7.59 -7.30
CA GLU C 193 11.15 8.94 -7.83
C GLU C 193 12.35 9.16 -8.75
N GLY C 194 12.46 10.31 -9.41
CA GLY C 194 13.60 10.52 -10.29
C GLY C 194 14.83 10.72 -9.47
N ALA C 195 15.93 11.18 -10.03
CA ALA C 195 17.16 11.35 -9.25
C ALA C 195 17.09 12.28 -8.03
N GLY C 196 16.37 13.37 -8.27
CA GLY C 196 16.22 14.31 -7.21
C GLY C 196 14.89 14.98 -7.43
N GLU C 197 13.84 14.27 -7.83
CA GLU C 197 12.59 14.97 -7.96
C GLU C 197 11.48 13.96 -8.02
N ASN C 198 10.27 14.29 -7.56
CA ASN C 198 9.17 13.38 -7.51
C ASN C 198 8.64 12.99 -8.88
N LEU C 199 7.79 11.98 -9.02
CA LEU C 199 7.30 11.53 -10.33
C LEU C 199 5.80 11.34 -10.17
N PHE C 200 5.01 11.70 -11.17
CA PHE C 200 3.55 11.59 -11.15
C PHE C 200 3.20 10.98 -12.51
N GLU C 201 2.00 10.38 -12.65
CA GLU C 201 1.57 9.75 -13.92
C GLU C 201 0.10 10.04 -14.14
N VAL C 202 -0.42 10.13 -15.33
CA VAL C 202 -1.83 10.35 -15.34
C VAL C 202 -2.38 9.16 -16.04
N LYS C 203 -3.42 8.58 -15.52
CA LYS C 203 -3.92 7.47 -16.24
C LYS C 203 -5.22 7.80 -16.82
N ASP C 204 -6.36 7.42 -16.26
CA ASP C 204 -7.52 7.83 -17.05
C ASP C 204 -7.96 9.16 -16.52
N GLY C 205 -7.04 10.12 -16.51
CA GLY C 205 -7.31 11.43 -15.99
C GLY C 205 -7.15 11.45 -14.47
N VAL C 206 -6.40 10.51 -13.92
CA VAL C 206 -6.22 10.48 -12.49
C VAL C 206 -4.78 10.74 -12.19
N LEU C 207 -4.46 11.15 -10.98
CA LEU C 207 -3.10 11.47 -10.69
C LEU C 207 -2.06 10.43 -10.12
N PHE C 208 -2.21 9.73 -9.04
CA PHE C 208 -1.03 8.77 -8.84
C PHE C 208 0.42 9.29 -8.60
N THR C 209 0.98 9.01 -7.45
CA THR C 209 2.36 9.30 -7.22
C THR C 209 2.73 8.36 -6.07
N PRO C 210 3.95 7.81 -6.11
CA PRO C 210 4.40 6.92 -5.06
C PRO C 210 4.30 7.61 -3.68
N PRO C 211 4.14 6.84 -2.59
CA PRO C 211 4.03 7.16 -1.18
C PRO C 211 5.43 7.41 -0.64
N PHE C 212 5.59 7.96 0.56
CA PHE C 212 6.97 8.16 0.99
C PHE C 212 7.63 6.84 1.23
N THR C 213 6.79 5.83 1.49
CA THR C 213 7.20 4.46 1.77
C THR C 213 7.91 3.78 0.57
N SER C 214 7.79 4.41 -0.63
CA SER C 214 8.49 3.94 -1.80
C SER C 214 9.82 4.69 -1.86
N SER C 215 10.37 5.04 -0.71
CA SER C 215 11.61 5.78 -0.68
C SER C 215 11.68 7.15 -1.43
N ALA C 216 10.51 7.81 -1.47
CA ALA C 216 10.30 9.08 -2.11
C ALA C 216 10.41 10.19 -1.07
N LEU C 217 11.04 11.32 -1.38
CA LEU C 217 11.12 12.37 -0.40
C LEU C 217 9.81 13.12 -0.40
N PRO C 218 9.31 13.53 0.77
CA PRO C 218 8.02 14.26 0.72
C PRO C 218 8.32 15.66 0.14
N GLY C 219 8.06 15.85 -1.14
CA GLY C 219 8.46 17.07 -1.75
C GLY C 219 7.56 18.23 -1.53
N ILE C 220 8.15 19.42 -1.44
CA ILE C 220 7.31 20.59 -1.27
C ILE C 220 6.56 20.95 -2.60
N THR C 221 7.22 20.76 -3.73
CA THR C 221 6.51 20.99 -4.97
C THR C 221 5.40 19.90 -5.10
N ARG C 222 5.74 18.63 -4.85
CA ARG C 222 4.79 17.50 -4.95
C ARG C 222 3.53 17.85 -4.16
N ASP C 223 3.75 18.36 -2.97
CA ASP C 223 2.66 18.76 -2.12
C ASP C 223 1.84 19.85 -2.77
N ALA C 224 2.49 20.88 -3.31
CA ALA C 224 1.75 21.93 -3.99
C ALA C 224 0.93 21.26 -5.07
N ILE C 225 1.52 20.44 -5.91
CA ILE C 225 0.72 19.83 -7.01
C ILE C 225 -0.47 19.06 -6.57
N ILE C 226 -0.34 18.32 -5.49
CA ILE C 226 -1.57 17.59 -5.07
C ILE C 226 -2.64 18.60 -4.74
N LYS C 227 -2.32 19.60 -3.91
CA LYS C 227 -3.31 20.64 -3.57
C LYS C 227 -3.96 21.29 -4.80
N LEU C 228 -3.17 21.84 -5.70
CA LEU C 228 -3.74 22.45 -6.88
C LEU C 228 -4.63 21.46 -7.58
N ALA C 229 -4.13 20.24 -7.77
CA ALA C 229 -4.89 19.20 -8.46
C ALA C 229 -6.24 19.03 -7.85
N LYS C 230 -6.28 18.97 -6.53
CA LYS C 230 -7.55 18.81 -5.85
C LYS C 230 -8.45 20.00 -6.16
N GLU C 231 -7.88 21.21 -6.16
CA GLU C 231 -8.71 22.35 -6.50
C GLU C 231 -9.16 22.31 -7.97
N LEU C 232 -8.38 21.70 -8.86
CA LEU C 232 -8.78 21.67 -10.28
C LEU C 232 -9.73 20.57 -10.41
N GLY C 233 -10.05 19.91 -9.29
CA GLY C 233 -10.98 18.77 -9.33
C GLY C 233 -10.43 17.49 -9.97
N ILE C 234 -9.16 17.17 -9.78
CA ILE C 234 -8.59 15.97 -10.37
C ILE C 234 -8.46 14.96 -9.23
N GLU C 235 -8.80 13.69 -9.45
CA GLU C 235 -8.66 12.74 -8.34
C GLU C 235 -7.22 12.42 -8.16
N VAL C 236 -6.78 12.20 -6.93
CA VAL C 236 -5.37 11.93 -6.70
C VAL C 236 -5.20 10.65 -5.87
N ARG C 237 -4.29 9.77 -6.29
CA ARG C 237 -4.08 8.51 -5.62
C ARG C 237 -2.66 8.32 -5.27
N GLU C 238 -2.29 8.37 -4.01
CA GLU C 238 -0.91 8.10 -3.72
C GLU C 238 -0.87 6.59 -3.59
N GLN C 239 -0.18 5.92 -4.47
CA GLN C 239 -0.17 4.51 -4.34
C GLN C 239 1.10 3.92 -4.92
N VAL C 240 1.57 2.80 -4.39
CA VAL C 240 2.76 2.16 -4.95
C VAL C 240 2.54 1.89 -6.46
N LEU C 241 3.60 2.13 -7.28
CA LEU C 241 3.57 1.94 -8.76
C LEU C 241 4.63 1.02 -9.31
N SER C 242 4.19 0.20 -10.24
CA SER C 242 5.05 -0.78 -10.86
C SER C 242 5.79 -0.21 -12.04
N ARG C 243 7.07 -0.53 -12.21
CA ARG C 243 7.81 -0.05 -13.34
C ARG C 243 7.00 0.00 -14.63
N GLU C 244 6.19 -1.00 -14.95
CA GLU C 244 5.46 -0.99 -16.23
C GLU C 244 4.42 0.07 -16.40
N SER C 245 3.97 0.72 -15.33
CA SER C 245 2.94 1.72 -15.50
C SER C 245 3.54 2.86 -16.30
N LEU C 246 4.84 3.07 -16.21
CA LEU C 246 5.45 4.15 -16.97
C LEU C 246 5.22 4.02 -18.46
N TYR C 247 5.08 2.80 -18.95
CA TYR C 247 4.90 2.62 -20.38
C TYR C 247 3.48 2.56 -20.72
N LEU C 248 2.62 2.55 -19.73
CA LEU C 248 1.19 2.43 -20.07
C LEU C 248 0.38 3.65 -19.74
N ALA C 249 1.03 4.56 -19.06
CA ALA C 249 0.36 5.76 -18.66
C ALA C 249 0.07 6.77 -19.78
N ASP C 250 -0.94 7.61 -19.59
CA ASP C 250 -1.23 8.65 -20.57
C ASP C 250 -0.22 9.82 -20.44
N GLU C 251 0.21 10.15 -19.21
CA GLU C 251 1.15 11.25 -19.02
C GLU C 251 2.07 10.97 -17.87
N VAL C 252 3.27 11.54 -17.89
CA VAL C 252 4.15 11.38 -16.78
C VAL C 252 4.98 12.63 -16.68
N PHE C 253 5.21 13.11 -15.46
CA PHE C 253 6.01 14.32 -15.27
C PHE C 253 6.57 14.29 -13.89
N MET C 254 7.70 14.99 -13.72
CA MET C 254 8.44 15.14 -12.46
C MET C 254 8.27 16.57 -11.92
N SER C 255 8.61 16.78 -10.66
CA SER C 255 8.53 18.09 -10.04
C SER C 255 9.59 18.21 -8.97
N GLY C 256 10.14 19.40 -8.79
CA GLY C 256 11.16 19.65 -7.80
C GLY C 256 11.26 21.17 -7.70
N THR C 257 11.79 21.72 -6.61
CA THR C 257 11.89 23.17 -6.51
C THR C 257 12.62 23.78 -7.72
N ALA C 258 13.72 23.18 -8.18
CA ALA C 258 14.48 23.72 -9.35
C ALA C 258 13.99 23.35 -10.70
N ALA C 259 13.06 22.42 -10.81
CA ALA C 259 12.54 21.97 -12.10
C ALA C 259 11.01 22.07 -12.23
N GLU C 260 10.39 22.74 -11.28
CA GLU C 260 9.00 22.96 -11.33
C GLU C 260 8.33 21.70 -11.78
N ILE C 261 7.74 21.67 -12.97
CA ILE C 261 7.03 20.50 -13.42
C ILE C 261 7.49 20.12 -14.80
N THR C 262 8.34 19.13 -14.93
CA THR C 262 8.82 18.74 -16.23
C THR C 262 8.08 17.58 -16.78
N PRO C 263 7.53 17.67 -18.00
CA PRO C 263 6.80 16.54 -18.57
C PRO C 263 7.80 15.56 -19.12
N VAL C 264 7.42 14.30 -19.17
CA VAL C 264 8.31 13.27 -19.68
C VAL C 264 7.65 12.72 -20.90
N ARG C 265 8.39 12.66 -22.00
CA ARG C 265 7.75 12.16 -23.21
C ARG C 265 8.05 10.73 -23.58
N SER C 266 9.17 10.19 -23.13
CA SER C 266 9.48 8.83 -23.42
C SER C 266 10.19 8.43 -22.18
N VAL C 267 9.98 7.14 -21.86
CA VAL C 267 10.66 6.45 -20.76
C VAL C 267 11.21 5.21 -21.43
N ASP C 268 12.51 4.98 -21.27
CA ASP C 268 13.19 3.85 -21.86
C ASP C 268 13.07 3.73 -23.38
N GLY C 269 12.73 4.83 -24.03
CA GLY C 269 12.63 4.82 -25.47
C GLY C 269 11.23 4.57 -25.89
N ILE C 270 10.37 4.27 -24.94
CA ILE C 270 8.95 3.99 -25.19
C ILE C 270 8.19 5.26 -24.89
N GLN C 271 7.58 5.80 -25.93
CA GLN C 271 6.81 7.03 -25.89
C GLN C 271 5.68 6.95 -24.90
N VAL C 272 5.63 7.93 -24.00
CA VAL C 272 4.58 7.95 -23.04
C VAL C 272 3.51 8.57 -23.86
N GLY C 273 2.38 7.89 -23.97
CA GLY C 273 1.25 8.36 -24.78
C GLY C 273 1.41 9.55 -25.75
N GLU C 274 1.72 9.33 -27.02
CA GLU C 274 1.78 10.50 -27.91
C GLU C 274 2.75 11.69 -27.55
N GLY C 275 4.04 11.38 -27.61
CA GLY C 275 5.15 12.31 -27.38
C GLY C 275 5.10 13.73 -26.83
N ARG C 276 4.25 13.88 -25.82
CA ARG C 276 4.03 15.12 -25.07
C ARG C 276 2.98 15.95 -25.66
N CYS C 277 2.25 16.53 -24.69
CA CYS C 277 1.12 17.49 -24.80
C CYS C 277 0.22 17.27 -23.59
N GLY C 278 0.77 16.65 -22.53
CA GLY C 278 -0.05 16.37 -21.38
C GLY C 278 -1.23 17.27 -21.04
N PRO C 279 -2.45 16.98 -21.48
CA PRO C 279 -3.56 17.85 -21.14
C PRO C 279 -3.58 18.11 -19.66
N VAL C 280 -3.47 17.07 -18.85
CA VAL C 280 -3.54 17.34 -17.42
C VAL C 280 -2.29 17.99 -16.95
N THR C 281 -1.19 17.65 -17.57
CA THR C 281 0.04 18.23 -17.10
C THR C 281 -0.07 19.70 -17.36
N LYS C 282 -0.77 20.04 -18.45
CA LYS C 282 -1.01 21.41 -18.92
C LYS C 282 -1.79 22.21 -17.87
N ARG C 283 -2.98 21.75 -17.57
CA ARG C 283 -3.78 22.38 -16.59
C ARG C 283 -3.05 22.61 -15.29
N ILE C 284 -2.23 21.67 -14.89
CA ILE C 284 -1.53 21.81 -13.64
C ILE C 284 -0.40 22.75 -13.78
N GLN C 285 0.09 22.88 -15.00
CA GLN C 285 1.21 23.79 -15.23
C GLN C 285 0.62 25.15 -15.24
N GLN C 286 -0.56 25.30 -15.82
CA GLN C 286 -1.27 26.57 -15.82
C GLN C 286 -1.65 27.00 -14.35
N ALA C 287 -2.17 26.11 -13.52
CA ALA C 287 -2.52 26.48 -12.16
C ALA C 287 -1.24 26.89 -11.41
N PHE C 288 -0.24 26.03 -11.43
CA PHE C 288 0.95 26.38 -10.70
C PHE C 288 1.52 27.76 -11.07
N PHE C 289 1.58 28.07 -12.34
CA PHE C 289 2.20 29.31 -12.69
C PHE C 289 1.31 30.51 -12.50
N GLY C 290 0.02 30.23 -12.56
CA GLY C 290 -0.93 31.27 -12.34
C GLY C 290 -0.78 31.79 -10.92
N LEU C 291 0.03 31.17 -10.08
CA LEU C 291 0.15 31.69 -8.73
C LEU C 291 0.87 33.03 -8.84
N PHE C 292 1.95 33.04 -9.63
CA PHE C 292 2.81 34.21 -9.78
C PHE C 292 2.31 35.30 -10.72
N THR C 293 1.17 35.02 -11.29
CA THR C 293 0.56 35.87 -12.23
C THR C 293 -0.62 36.51 -11.60
N GLY C 294 -1.22 35.82 -10.64
CA GLY C 294 -2.40 36.31 -9.96
C GLY C 294 -3.61 35.59 -10.49
N GLU C 295 -3.48 34.78 -11.54
CA GLU C 295 -4.60 34.02 -12.09
C GLU C 295 -5.02 32.91 -11.14
N THR C 296 -4.09 32.45 -10.31
CA THR C 296 -4.43 31.43 -9.39
C THR C 296 -4.35 32.05 -8.05
N GLU C 297 -5.49 31.95 -7.41
CA GLU C 297 -5.63 32.52 -6.10
C GLU C 297 -4.86 31.75 -5.05
N ASP C 298 -3.88 32.42 -4.48
CA ASP C 298 -3.07 31.84 -3.44
C ASP C 298 -3.91 31.54 -2.18
N LYS C 299 -4.72 30.49 -2.19
CA LYS C 299 -5.54 30.19 -1.00
C LYS C 299 -4.83 29.67 0.22
N TRP C 300 -3.62 29.14 0.09
CA TRP C 300 -2.97 28.56 1.25
C TRP C 300 -1.96 29.50 1.80
N GLY C 301 -1.72 30.56 1.05
CA GLY C 301 -0.72 31.53 1.44
C GLY C 301 0.68 31.07 1.12
N TRP C 302 0.95 30.77 -0.17
CA TRP C 302 2.25 30.22 -0.56
C TRP C 302 3.28 31.22 -0.87
N LEU C 303 2.93 32.47 -1.21
CA LEU C 303 3.90 33.53 -1.58
C LEU C 303 4.28 34.45 -0.45
N ASP C 304 5.56 34.64 -0.17
CA ASP C 304 5.99 35.47 0.93
C ASP C 304 7.00 36.50 0.47
N GLN C 305 6.54 37.73 0.31
CA GLN C 305 7.36 38.80 -0.14
C GLN C 305 8.56 39.11 0.68
N VAL C 306 9.54 39.59 -0.04
CA VAL C 306 10.82 39.94 0.48
C VAL C 306 10.74 41.24 1.18
N ASN C 307 9.98 42.18 0.59
CA ASN C 307 9.81 43.54 1.09
C ASN C 307 8.41 43.75 1.49
N GLN C 308 8.45 43.46 2.76
CA GLN C 308 7.47 43.50 3.80
C GLN C 308 8.57 43.71 4.90
N1 PLP D . -4.73 -13.34 -14.47
C2 PLP D . -3.83 -13.73 -15.39
C2A PLP D . -2.61 -14.35 -14.96
C3 PLP D . -4.13 -13.67 -16.74
O3 PLP D . -3.15 -13.73 -17.72
C4 PLP D . -5.27 -13.29 -17.15
C4A PLP D . -5.49 -13.38 -18.63
C5 PLP D . -6.29 -12.95 -16.22
C6 PLP D . -6.02 -12.93 -14.93
C5A PLP D . -7.74 -12.67 -16.70
O4P PLP D . -7.94 -11.41 -17.31
P PLP D . -9.34 -11.00 -17.96
O1P PLP D . -9.89 -11.84 -19.00
O2P PLP D . -8.43 -10.02 -18.82
O3P PLP D . -10.16 -10.39 -16.93
N1 PLP E . -1.19 -5.94 19.17
C2 PLP E . -0.83 -7.25 19.51
C2A PLP E . 0.52 -8.00 19.06
C3 PLP E . -1.69 -7.95 20.24
O3 PLP E . -1.60 -9.28 20.12
C4 PLP E . -2.84 -7.43 20.74
C4A PLP E . -3.52 -8.24 21.76
C5 PLP E . -3.23 -6.09 20.44
C6 PLP E . -2.44 -5.39 19.62
C5A PLP E . -4.43 -5.39 20.97
O4P PLP E . -5.63 -5.77 20.56
P PLP E . -6.93 -5.31 21.18
O1P PLP E . -6.81 -5.31 22.58
O2P PLP E . -8.23 -6.14 20.73
O3P PLP E . -7.30 -4.08 20.53
N1 PLP F . 13.83 14.08 -4.32
C2 PLP F . 14.90 14.30 -3.68
C2A PLP F . 15.88 13.15 -3.41
C3 PLP F . 15.09 15.52 -3.23
O3 PLP F . 16.11 15.77 -2.53
C4 PLP F . 14.29 16.52 -3.41
C4A PLP F . 14.65 17.86 -2.79
C5 PLP F . 13.16 16.38 -4.06
C6 PLP F . 12.91 15.13 -4.50
C5A PLP F . 12.23 17.61 -4.39
O4P PLP F . 11.86 18.59 -3.35
P PLP F . 10.85 19.78 -3.48
O1P PLP F . 11.81 20.77 -3.84
O2P PLP F . 10.78 20.00 -2.04
O3P PLP F . 9.63 19.50 -4.26
#